data_1X2A
#
_entry.id   1X2A
#
_cell.length_a   142.710
_cell.length_b   142.710
_cell.length_c   81.390
_cell.angle_alpha   90.00
_cell.angle_beta   90.00
_cell.angle_gamma   120.00
#
_symmetry.space_group_name_H-M   'P 63'
#
loop_
_entity.id
_entity.type
_entity.pdbx_description
1 polymer 'Aspartate aminotransferase'
2 non-polymer 'N-({3-HYDROXY-2-METHYL-5-[(PHOSPHONOOXY)METHYL]PYRIDIN-4-YL}METHYL)-D-GLUTAMIC ACID'
3 water water
#
_entity_poly.entity_id   1
_entity_poly.type   'polypeptide(L)'
_entity_poly.pdbx_seq_one_letter_code
;MFENITAAPADPILGLADLFRADERPGKINLGIGVYKDETGKTPVLTSVKKAEQYLLENETTKNYLGIDGIPEFGRCTQE
LLFGKGSALINDKRARTAQTPGGTGALRVAADFLAKNTSVKRVWVSNPSWPNHKSVFNSAGLEVREYAYYDAENHTLDFD
ALINSLNEAQAGDVVLFHGCCHNPTGIDPTLEQWQTLAQLSVEKGWLPLFDFAYQGFARGLEEDAEGLRAFAAMHKELIV
ASSYSKNFGLYNERVGACTLVAADSETVDRAFSQMKAAIRANYSNPPAHGASVVATILSNDALRAIWEQELTDMRQRIQR
MRQLFVNTLQEKGANRDFSFIIKQNGMFSFSGLTKEQVLRLREEFGVYAVASGRVNVAGMTPDNMAPLCEAIVAVL
;
_entity_poly.pdbx_strand_id   A,B
#
# COMPACT_ATOMS: atom_id res chain seq x y z
N MET A 1 11.03 23.69 10.22
CA MET A 1 10.34 23.51 8.91
C MET A 1 8.89 23.07 9.04
N PHE A 2 8.62 22.21 10.01
CA PHE A 2 7.26 21.72 10.20
C PHE A 2 6.33 22.72 10.87
N GLU A 3 6.86 23.92 11.18
CA GLU A 3 6.06 24.97 11.81
C GLU A 3 5.15 25.64 10.80
N ASN A 4 5.65 25.74 9.57
CA ASN A 4 4.88 26.36 8.51
C ASN A 4 3.80 25.45 7.93
N ILE A 5 3.68 24.25 8.46
CA ILE A 5 2.66 23.34 7.97
C ILE A 5 1.31 23.67 8.58
N THR A 6 0.28 23.72 7.74
CA THR A 6 -1.06 23.99 8.21
C THR A 6 -1.80 22.68 8.44
N ALA A 7 -2.44 22.55 9.60
CA ALA A 7 -3.18 21.36 9.94
C ALA A 7 -4.19 20.99 8.85
N ALA A 8 -4.46 19.69 8.71
CA ALA A 8 -5.42 19.21 7.74
C ALA A 8 -6.70 18.86 8.49
N PRO A 9 -7.87 19.18 7.91
CA PRO A 9 -9.12 18.86 8.58
C PRO A 9 -9.29 17.33 8.65
N ALA A 10 -10.25 16.88 9.44
CA ALA A 10 -10.50 15.45 9.57
C ALA A 10 -11.20 14.92 8.32
N ASP A 11 -11.01 13.63 8.05
CA ASP A 11 -11.66 13.05 6.89
C ASP A 11 -13.15 13.01 7.20
N PRO A 12 -13.98 13.49 6.26
CA PRO A 12 -15.43 13.50 6.45
C PRO A 12 -16.07 12.14 6.69
N ILE A 13 -15.30 11.06 6.50
CA ILE A 13 -15.82 9.72 6.70
C ILE A 13 -15.05 8.96 7.78
N LEU A 14 -13.73 8.92 7.64
CA LEU A 14 -12.90 8.22 8.61
C LEU A 14 -12.80 9.00 9.92
N GLY A 15 -12.91 10.32 9.82
CA GLY A 15 -12.86 11.12 11.03
C GLY A 15 -13.98 10.64 11.94
N LEU A 16 -15.12 10.36 11.34
CA LEU A 16 -16.31 9.89 12.04
C LEU A 16 -16.01 8.79 13.06
N ALA A 17 -15.34 7.72 12.63
CA ALA A 17 -15.01 6.61 13.51
C ALA A 17 -14.24 7.04 14.76
N ASP A 18 -13.53 8.17 14.67
CA ASP A 18 -12.77 8.66 15.81
C ASP A 18 -13.70 9.31 16.84
N LEU A 19 -14.59 10.18 16.38
CA LEU A 19 -15.56 10.85 17.24
C LEU A 19 -16.45 9.80 17.92
N PHE A 20 -16.95 8.85 17.11
CA PHE A 20 -17.82 7.80 17.62
C PHE A 20 -17.18 7.05 18.78
N ARG A 21 -15.95 6.59 18.59
CA ARG A 21 -15.24 5.85 19.62
C ARG A 21 -14.91 6.73 20.83
N ALA A 22 -15.14 8.04 20.67
CA ALA A 22 -14.85 8.98 21.74
C ALA A 22 -16.01 9.32 22.68
N ASP A 23 -17.15 9.75 22.15
CA ASP A 23 -18.24 10.11 23.06
C ASP A 23 -18.66 8.90 23.88
N GLU A 24 -18.87 9.14 25.18
CA GLU A 24 -19.21 8.08 26.10
C GLU A 24 -20.68 7.89 26.44
N ARG A 25 -21.59 8.61 25.79
CA ARG A 25 -22.99 8.40 26.11
C ARG A 25 -23.48 7.06 25.57
N PRO A 26 -24.16 6.28 26.42
CA PRO A 26 -24.69 4.96 26.07
C PRO A 26 -25.82 5.00 25.05
N GLY A 27 -25.87 4.00 24.17
CA GLY A 27 -26.92 3.95 23.17
C GLY A 27 -26.54 4.55 21.83
N LYS A 28 -25.39 5.22 21.77
CA LYS A 28 -24.91 5.83 20.53
C LYS A 28 -24.96 4.84 19.36
N ILE A 29 -25.29 5.35 18.17
CA ILE A 29 -25.40 4.51 16.96
C ILE A 29 -24.53 5.03 15.82
N ASN A 30 -23.72 4.13 15.27
CA ASN A 30 -22.80 4.47 14.18
C ASN A 30 -23.35 4.10 12.81
N LEU A 31 -23.62 5.10 11.98
CA LEU A 31 -24.13 4.87 10.63
C LEU A 31 -23.21 5.57 9.62
N GLY A 32 -21.93 5.70 9.99
CA GLY A 32 -20.95 6.38 9.15
C GLY A 32 -20.24 5.55 8.08
N ILE A 33 -19.01 5.12 8.41
CA ILE A 33 -18.19 4.35 7.49
C ILE A 33 -18.95 3.19 6.86
N GLY A 34 -18.68 2.95 5.57
CA GLY A 34 -19.36 1.90 4.84
C GLY A 34 -18.88 0.48 5.07
N VAL A 35 -19.17 -0.06 6.25
CA VAL A 35 -18.79 -1.42 6.56
C VAL A 35 -20.04 -2.22 6.87
N TYR A 36 -20.03 -3.51 6.55
CA TYR A 36 -21.18 -4.36 6.80
C TYR A 36 -21.22 -4.83 8.25
N LYS A 37 -22.43 -5.04 8.75
CA LYS A 37 -22.63 -5.54 10.11
C LYS A 37 -23.74 -6.58 10.02
N ASP A 38 -23.67 -7.62 10.83
CA ASP A 38 -24.71 -8.64 10.83
C ASP A 38 -25.81 -8.18 11.80
N GLU A 39 -26.83 -9.01 12.02
CA GLU A 39 -27.94 -8.62 12.90
C GLU A 39 -27.50 -8.32 14.34
N THR A 40 -26.30 -8.72 14.73
CA THR A 40 -25.83 -8.47 16.09
C THR A 40 -25.08 -7.16 16.18
N GLY A 41 -24.86 -6.53 15.04
CA GLY A 41 -24.14 -5.28 15.02
C GLY A 41 -22.63 -5.43 14.97
N LYS A 42 -22.16 -6.59 14.54
CA LYS A 42 -20.72 -6.83 14.44
C LYS A 42 -20.31 -7.09 13.00
N THR A 43 -19.07 -6.76 12.69
CA THR A 43 -18.48 -6.96 11.36
C THR A 43 -17.59 -8.19 11.46
N PRO A 44 -18.16 -9.37 11.30
CA PRO A 44 -17.37 -10.61 11.39
C PRO A 44 -16.56 -10.94 10.13
N VAL A 45 -15.57 -11.82 10.28
CA VAL A 45 -14.80 -12.23 9.11
C VAL A 45 -15.61 -13.38 8.54
N LEU A 46 -15.77 -13.40 7.22
CA LEU A 46 -16.54 -14.46 6.59
C LEU A 46 -15.97 -15.85 6.91
N THR A 47 -16.82 -16.86 6.83
CA THR A 47 -16.40 -18.24 7.11
C THR A 47 -15.45 -18.73 6.02
N SER A 48 -15.79 -18.44 4.77
CA SER A 48 -14.95 -18.85 3.64
C SER A 48 -13.55 -18.27 3.81
N VAL A 49 -13.49 -17.06 4.39
CA VAL A 49 -12.23 -16.36 4.62
C VAL A 49 -11.41 -17.04 5.73
N LYS A 50 -12.08 -17.39 6.83
CA LYS A 50 -11.39 -18.06 7.92
C LYS A 50 -10.85 -19.39 7.39
N LYS A 51 -11.63 -20.06 6.54
CA LYS A 51 -11.23 -21.32 5.94
C LYS A 51 -9.97 -21.13 5.13
N ALA A 52 -10.00 -20.17 4.21
CA ALA A 52 -8.85 -19.88 3.36
C ALA A 52 -7.62 -19.49 4.16
N GLU A 53 -7.82 -18.79 5.28
CA GLU A 53 -6.70 -18.38 6.11
C GLU A 53 -6.04 -19.56 6.82
N GLN A 54 -6.81 -20.60 7.13
CA GLN A 54 -6.24 -21.78 7.79
C GLN A 54 -5.43 -22.54 6.75
N TYR A 55 -5.94 -22.60 5.53
CA TYR A 55 -5.25 -23.27 4.44
C TYR A 55 -3.88 -22.59 4.25
N LEU A 56 -3.89 -21.27 4.24
CA LEU A 56 -2.65 -20.51 4.07
C LEU A 56 -1.68 -20.75 5.22
N LEU A 57 -2.20 -20.77 6.44
CA LEU A 57 -1.37 -21.01 7.60
C LEU A 57 -0.65 -22.35 7.50
N GLU A 58 -1.35 -23.36 6.97
CA GLU A 58 -0.79 -24.70 6.85
C GLU A 58 0.08 -24.97 5.63
N ASN A 59 -0.15 -24.28 4.53
CA ASN A 59 0.62 -24.53 3.33
C ASN A 59 1.66 -23.49 2.92
N GLU A 60 1.63 -22.33 3.58
CA GLU A 60 2.56 -21.25 3.29
C GLU A 60 3.95 -21.63 3.84
N THR A 61 4.98 -21.53 3.00
CA THR A 61 6.33 -21.87 3.45
C THR A 61 7.33 -20.74 3.25
N THR A 62 6.85 -19.57 2.87
CA THR A 62 7.73 -18.43 2.65
C THR A 62 6.94 -17.15 2.45
N LYS A 63 7.52 -16.02 2.87
CA LYS A 63 6.87 -14.72 2.68
C LYS A 63 7.65 -13.95 1.61
N ASN A 64 8.42 -14.67 0.81
CA ASN A 64 9.23 -14.03 -0.23
C ASN A 64 8.40 -13.08 -1.08
N TYR A 65 8.99 -11.94 -1.43
CA TYR A 65 8.35 -10.90 -2.24
C TYR A 65 7.57 -11.43 -3.42
N LEU A 66 6.41 -10.82 -3.65
CA LEU A 66 5.58 -11.16 -4.80
C LEU A 66 6.11 -10.27 -5.91
N GLY A 67 5.66 -10.50 -7.13
CA GLY A 67 6.10 -9.65 -8.22
C GLY A 67 5.37 -8.32 -8.06
N ILE A 68 5.89 -7.27 -8.67
CA ILE A 68 5.29 -5.94 -8.58
C ILE A 68 3.78 -5.95 -8.79
N ASP A 69 3.30 -6.76 -9.74
CA ASP A 69 1.87 -6.81 -10.03
C ASP A 69 1.07 -7.84 -9.25
N GLY A 70 1.69 -8.47 -8.26
CA GLY A 70 0.99 -9.44 -7.43
C GLY A 70 0.82 -10.88 -7.90
N ILE A 71 -0.07 -11.60 -7.21
CA ILE A 71 -0.36 -12.99 -7.50
C ILE A 71 -1.05 -13.20 -8.86
N PRO A 72 -0.43 -13.99 -9.75
CA PRO A 72 -1.00 -14.26 -11.08
C PRO A 72 -2.46 -14.70 -11.05
N GLU A 73 -2.77 -15.72 -10.25
CA GLU A 73 -4.15 -16.19 -10.18
C GLU A 73 -5.12 -15.08 -9.78
N PHE A 74 -4.70 -14.20 -8.86
CA PHE A 74 -5.53 -13.09 -8.42
C PHE A 74 -5.92 -12.26 -9.64
N GLY A 75 -4.94 -11.92 -10.47
CA GLY A 75 -5.22 -11.13 -11.65
C GLY A 75 -6.21 -11.79 -12.58
N ARG A 76 -6.01 -13.08 -12.84
CA ARG A 76 -6.88 -13.85 -13.73
C ARG A 76 -8.31 -13.90 -13.21
N CYS A 77 -8.45 -14.27 -11.94
CA CYS A 77 -9.75 -14.37 -11.32
C CYS A 77 -10.53 -13.06 -11.31
N THR A 78 -9.85 -11.92 -11.16
CA THR A 78 -10.56 -10.65 -11.14
C THR A 78 -11.08 -10.33 -12.53
N GLN A 79 -10.31 -10.61 -13.57
CA GLN A 79 -10.76 -10.35 -14.93
C GLN A 79 -12.00 -11.17 -15.28
N GLU A 80 -12.02 -12.43 -14.85
CA GLU A 80 -13.19 -13.27 -15.11
C GLU A 80 -14.40 -12.66 -14.42
N LEU A 81 -14.22 -12.24 -13.16
CA LEU A 81 -15.30 -11.63 -12.39
C LEU A 81 -15.82 -10.34 -13.04
N LEU A 82 -14.91 -9.57 -13.64
CA LEU A 82 -15.29 -8.31 -14.25
C LEU A 82 -15.92 -8.46 -15.64
N PHE A 83 -15.24 -9.16 -16.54
CA PHE A 83 -15.71 -9.30 -17.91
C PHE A 83 -16.44 -10.59 -18.29
N GLY A 84 -16.35 -11.62 -17.45
CA GLY A 84 -17.00 -12.87 -17.77
C GLY A 84 -16.02 -13.92 -18.27
N LYS A 85 -16.21 -15.16 -17.82
CA LYS A 85 -15.35 -16.28 -18.19
C LYS A 85 -14.97 -16.38 -19.67
N GLY A 86 -15.95 -16.35 -20.56
CA GLY A 86 -15.62 -16.47 -21.97
C GLY A 86 -15.35 -15.16 -22.69
N SER A 87 -15.23 -14.07 -21.94
CA SER A 87 -15.01 -12.74 -22.51
C SER A 87 -13.95 -12.65 -23.60
N ALA A 88 -14.22 -11.79 -24.57
CA ALA A 88 -13.30 -11.58 -25.68
C ALA A 88 -12.06 -10.81 -25.24
N LEU A 89 -12.23 -9.90 -24.29
CA LEU A 89 -11.11 -9.10 -23.81
C LEU A 89 -10.03 -10.02 -23.23
N ILE A 90 -10.46 -11.11 -22.62
CA ILE A 90 -9.53 -12.06 -22.02
C ILE A 90 -8.87 -12.91 -23.11
N ASN A 91 -9.69 -13.56 -23.93
CA ASN A 91 -9.19 -14.40 -25.01
C ASN A 91 -8.18 -13.68 -25.88
N ASP A 92 -8.43 -12.41 -26.20
CA ASP A 92 -7.51 -11.64 -27.03
C ASP A 92 -6.38 -11.04 -26.19
N LYS A 93 -6.44 -11.25 -24.88
CA LYS A 93 -5.42 -10.75 -23.97
C LYS A 93 -5.20 -9.25 -24.06
N ARG A 94 -6.29 -8.49 -23.99
CA ARG A 94 -6.21 -7.03 -24.07
C ARG A 94 -6.18 -6.39 -22.68
N ALA A 95 -6.23 -7.21 -21.64
CA ALA A 95 -6.23 -6.70 -20.27
C ALA A 95 -5.15 -7.30 -19.40
N ARG A 96 -4.58 -6.45 -18.55
CA ARG A 96 -3.55 -6.85 -17.61
C ARG A 96 -4.06 -6.28 -16.29
N THR A 97 -3.94 -7.06 -15.22
CA THR A 97 -4.39 -6.64 -13.91
C THR A 97 -3.27 -6.64 -12.87
N ALA A 98 -3.17 -5.55 -12.11
CA ALA A 98 -2.19 -5.46 -11.07
C ALA A 98 -2.92 -5.55 -9.72
N GLN A 99 -2.39 -6.36 -8.82
CA GLN A 99 -2.97 -6.49 -7.48
C GLN A 99 -2.55 -5.24 -6.73
N THR A 100 -3.49 -4.54 -6.12
CA THR A 100 -3.19 -3.31 -5.38
C THR A 100 -3.67 -3.32 -3.93
N PRO A 101 -3.22 -2.34 -3.14
CA PRO A 101 -3.63 -2.24 -1.74
C PRO A 101 -4.98 -1.53 -1.66
N GLY A 102 -6.04 -2.32 -1.83
CA GLY A 102 -7.40 -1.80 -1.77
C GLY A 102 -7.84 -1.08 -3.04
N GLY A 103 -9.12 -0.75 -3.09
CA GLY A 103 -9.66 -0.04 -4.24
C GLY A 103 -9.01 1.33 -4.31
N THR A 104 -8.74 1.93 -3.15
CA THR A 104 -8.10 3.23 -3.13
C THR A 104 -6.73 3.12 -3.80
N GLY A 105 -5.97 2.08 -3.44
CA GLY A 105 -4.65 1.88 -4.02
C GLY A 105 -4.70 1.75 -5.53
N ALA A 106 -5.77 1.14 -6.04
CA ALA A 106 -5.95 0.95 -7.47
C ALA A 106 -6.21 2.28 -8.20
N LEU A 107 -6.99 3.16 -7.56
CA LEU A 107 -7.29 4.47 -8.14
C LEU A 107 -6.02 5.31 -8.20
N ARG A 108 -5.20 5.23 -7.15
CA ARG A 108 -3.94 5.98 -7.08
C ARG A 108 -2.91 5.54 -8.11
N VAL A 109 -2.76 4.23 -8.34
CA VAL A 109 -1.78 3.80 -9.34
C VAL A 109 -2.32 4.17 -10.73
N ALA A 110 -3.64 4.14 -10.89
CA ALA A 110 -4.24 4.52 -12.17
C ALA A 110 -3.97 6.01 -12.39
N ALA A 111 -4.07 6.80 -11.33
CA ALA A 111 -3.82 8.25 -11.42
C ALA A 111 -2.35 8.55 -11.73
N ASP A 112 -1.44 7.95 -10.98
CA ASP A 112 -0.01 8.16 -11.21
C ASP A 112 0.33 7.76 -12.65
N PHE A 113 -0.15 6.59 -13.06
CA PHE A 113 0.08 6.08 -14.40
C PHE A 113 -0.36 7.06 -15.49
N LEU A 114 -1.57 7.59 -15.33
CA LEU A 114 -2.12 8.52 -16.31
C LEU A 114 -1.37 9.83 -16.33
N ALA A 115 -1.09 10.37 -15.14
CA ALA A 115 -0.40 11.65 -15.05
C ALA A 115 0.98 11.60 -15.67
N LYS A 116 1.71 10.54 -15.37
CA LYS A 116 3.08 10.39 -15.86
C LYS A 116 3.29 9.82 -17.27
N ASN A 117 2.31 9.07 -17.78
CA ASN A 117 2.47 8.41 -19.08
C ASN A 117 1.49 8.74 -20.20
N THR A 118 0.63 9.73 -20.00
CA THR A 118 -0.35 10.09 -21.03
C THR A 118 -0.57 11.60 -21.08
N SER A 119 -1.45 12.05 -21.96
CA SER A 119 -1.75 13.47 -22.07
C SER A 119 -3.02 13.82 -21.27
N VAL A 120 -3.49 12.89 -20.44
CA VAL A 120 -4.68 13.15 -19.64
C VAL A 120 -4.39 14.32 -18.72
N LYS A 121 -5.31 15.28 -18.68
CA LYS A 121 -5.12 16.44 -17.83
C LYS A 121 -6.29 16.61 -16.86
N ARG A 122 -7.43 16.05 -17.23
CA ARG A 122 -8.65 16.18 -16.44
C ARG A 122 -9.44 14.89 -16.23
N VAL A 123 -9.99 14.76 -15.02
CA VAL A 123 -10.81 13.60 -14.65
C VAL A 123 -12.17 14.12 -14.21
N TRP A 124 -13.25 13.56 -14.75
CA TRP A 124 -14.59 13.99 -14.38
C TRP A 124 -15.23 13.00 -13.42
N VAL A 125 -15.63 13.50 -12.27
CA VAL A 125 -16.26 12.70 -11.24
C VAL A 125 -17.68 13.20 -10.98
N SER A 126 -18.56 12.30 -10.57
CA SER A 126 -19.95 12.66 -10.29
C SER A 126 -20.09 13.50 -9.04
N ASN A 127 -21.14 14.32 -9.04
CA ASN A 127 -21.46 15.18 -7.92
C ASN A 127 -22.87 14.81 -7.50
N PRO A 128 -23.02 14.23 -6.30
CA PRO A 128 -21.96 13.93 -5.33
C PRO A 128 -21.21 12.64 -5.65
N SER A 129 -20.23 12.32 -4.84
CA SER A 129 -19.43 11.11 -5.03
C SER A 129 -18.69 10.78 -3.75
N TRP A 130 -17.93 9.69 -3.76
CA TRP A 130 -17.12 9.33 -2.62
C TRP A 130 -16.12 10.50 -2.48
N PRO A 131 -16.06 11.12 -1.30
CA PRO A 131 -15.18 12.25 -1.00
C PRO A 131 -13.71 12.10 -1.43
N ASN A 132 -13.14 10.92 -1.17
CA ASN A 132 -11.74 10.66 -1.48
C ASN A 132 -11.36 10.60 -2.96
N HIS A 133 -12.34 10.50 -3.86
CA HIS A 133 -12.05 10.45 -5.30
C HIS A 133 -11.23 11.67 -5.76
N LYS A 134 -11.65 12.87 -5.38
CA LYS A 134 -10.94 14.08 -5.76
C LYS A 134 -9.52 14.13 -5.19
N SER A 135 -9.38 13.74 -3.93
CA SER A 135 -8.06 13.74 -3.27
C SER A 135 -7.06 12.83 -3.98
N VAL A 136 -7.52 11.63 -4.36
CA VAL A 136 -6.65 10.68 -5.04
C VAL A 136 -6.11 11.22 -6.37
N PHE A 137 -6.99 11.68 -7.23
CA PHE A 137 -6.57 12.22 -8.51
C PHE A 137 -5.77 13.52 -8.38
N ASN A 138 -6.14 14.38 -7.43
CA ASN A 138 -5.41 15.63 -7.23
C ASN A 138 -3.98 15.31 -6.77
N SER A 139 -3.81 14.20 -6.03
CA SER A 139 -2.50 13.87 -5.53
C SER A 139 -1.52 13.55 -6.67
N ALA A 140 -2.06 13.29 -7.86
CA ALA A 140 -1.22 12.99 -9.01
C ALA A 140 -1.11 14.22 -9.91
N GLY A 141 -1.69 15.33 -9.48
CA GLY A 141 -1.64 16.54 -10.28
C GLY A 141 -2.74 16.67 -11.31
N LEU A 142 -3.74 15.81 -11.23
CA LEU A 142 -4.86 15.84 -12.17
C LEU A 142 -5.98 16.79 -11.74
N GLU A 143 -6.44 17.59 -12.68
CA GLU A 143 -7.54 18.50 -12.38
C GLU A 143 -8.82 17.68 -12.33
N VAL A 144 -9.65 17.93 -11.33
CA VAL A 144 -10.89 17.18 -11.20
C VAL A 144 -12.13 18.04 -11.40
N ARG A 145 -12.96 17.67 -12.37
CA ARG A 145 -14.20 18.38 -12.65
C ARG A 145 -15.36 17.49 -12.22
N GLU A 146 -16.49 18.11 -11.94
CA GLU A 146 -17.67 17.36 -11.53
C GLU A 146 -18.78 17.42 -12.57
N TYR A 147 -19.61 16.38 -12.64
CA TYR A 147 -20.74 16.37 -13.54
C TYR A 147 -22.00 16.08 -12.72
N ALA A 148 -23.14 16.54 -13.23
CA ALA A 148 -24.41 16.37 -12.53
C ALA A 148 -24.79 14.89 -12.46
N TYR A 149 -25.53 14.50 -11.43
CA TYR A 149 -25.92 13.10 -11.29
C TYR A 149 -27.26 12.83 -10.60
N TYR A 150 -27.44 13.42 -9.42
CA TYR A 150 -28.64 13.19 -8.63
C TYR A 150 -29.75 14.22 -8.72
N ASP A 151 -30.98 13.75 -8.90
CA ASP A 151 -32.15 14.61 -8.94
C ASP A 151 -32.63 14.63 -7.48
N ALA A 152 -32.27 15.68 -6.75
CA ALA A 152 -32.65 15.80 -5.34
C ALA A 152 -34.15 15.96 -5.10
N GLU A 153 -34.90 16.24 -6.17
CA GLU A 153 -36.34 16.41 -6.05
C GLU A 153 -37.06 15.08 -6.18
N ASN A 154 -36.81 14.40 -7.29
CA ASN A 154 -37.42 13.11 -7.58
C ASN A 154 -36.73 11.92 -6.93
N HIS A 155 -35.54 12.16 -6.38
CA HIS A 155 -34.76 11.10 -5.75
C HIS A 155 -34.46 10.05 -6.82
N THR A 156 -34.06 10.53 -8.00
CA THR A 156 -33.75 9.66 -9.12
C THR A 156 -32.50 10.15 -9.83
N LEU A 157 -32.12 9.46 -10.90
CA LEU A 157 -30.94 9.86 -11.67
C LEU A 157 -31.33 10.98 -12.61
N ASP A 158 -30.65 12.11 -12.53
CA ASP A 158 -30.94 13.23 -13.41
C ASP A 158 -30.13 12.98 -14.69
N PHE A 159 -30.65 12.12 -15.55
CA PHE A 159 -29.96 11.74 -16.78
C PHE A 159 -29.76 12.88 -17.78
N ASP A 160 -30.75 13.77 -17.88
CA ASP A 160 -30.64 14.90 -18.81
C ASP A 160 -29.56 15.86 -18.33
N ALA A 161 -29.53 16.12 -17.04
CA ALA A 161 -28.54 17.01 -16.47
C ALA A 161 -27.15 16.37 -16.58
N LEU A 162 -27.09 15.04 -16.46
CA LEU A 162 -25.82 14.33 -16.53
C LEU A 162 -25.21 14.44 -17.93
N ILE A 163 -26.05 14.22 -18.95
CA ILE A 163 -25.62 14.32 -20.34
C ILE A 163 -25.16 15.75 -20.63
N ASN A 164 -26.00 16.73 -20.30
CA ASN A 164 -25.67 18.13 -20.51
C ASN A 164 -24.38 18.50 -19.79
N SER A 165 -24.20 18.02 -18.56
CA SER A 165 -23.01 18.30 -17.76
C SER A 165 -21.71 17.84 -18.40
N LEU A 166 -21.78 16.71 -19.11
CA LEU A 166 -20.59 16.14 -19.73
C LEU A 166 -20.35 16.59 -21.16
N ASN A 167 -21.08 17.62 -21.59
CA ASN A 167 -20.93 18.12 -22.94
C ASN A 167 -19.54 18.69 -23.15
N GLU A 168 -18.98 19.26 -22.10
CA GLU A 168 -17.67 19.86 -22.19
C GLU A 168 -16.50 18.93 -21.85
N ALA A 169 -16.77 17.63 -21.70
CA ALA A 169 -15.71 16.67 -21.41
C ALA A 169 -15.04 16.36 -22.75
N GLN A 170 -13.79 16.80 -22.90
CA GLN A 170 -13.04 16.62 -24.14
C GLN A 170 -12.60 15.19 -24.42
N ALA A 171 -12.16 14.96 -25.65
CA ALA A 171 -11.62 13.68 -26.05
C ALA A 171 -10.32 13.63 -25.27
N GLY A 172 -9.97 12.47 -24.73
CA GLY A 172 -8.76 12.40 -23.94
C GLY A 172 -9.01 12.61 -22.45
N ASP A 173 -10.18 13.16 -22.10
CA ASP A 173 -10.53 13.37 -20.69
C ASP A 173 -10.97 12.04 -20.09
N VAL A 174 -10.69 11.84 -18.81
CA VAL A 174 -11.10 10.62 -18.14
C VAL A 174 -12.45 10.88 -17.46
N VAL A 175 -13.37 9.94 -17.59
CA VAL A 175 -14.67 10.07 -16.94
C VAL A 175 -14.84 8.89 -15.97
N LEU A 176 -15.06 9.21 -14.70
CA LEU A 176 -15.22 8.21 -13.65
C LEU A 176 -16.68 7.76 -13.50
N PHE A 177 -16.89 6.45 -13.48
CA PHE A 177 -18.23 5.89 -13.32
C PHE A 177 -18.18 4.87 -12.19
N HIS A 178 -19.26 4.78 -11.41
CA HIS A 178 -19.33 3.78 -10.35
C HIS A 178 -19.96 2.55 -11.01
N GLY A 179 -19.32 1.39 -10.87
CA GLY A 179 -19.83 0.19 -11.47
C GLY A 179 -21.27 -0.08 -11.11
N CYS A 180 -21.57 0.02 -9.81
CA CYS A 180 -22.91 -0.20 -9.28
C CYS A 180 -22.91 0.29 -7.85
N CYS A 181 -24.11 0.45 -7.28
CA CYS A 181 -24.25 0.93 -5.91
C CYS A 181 -23.53 2.26 -5.76
N HIS A 182 -23.93 3.23 -6.58
CA HIS A 182 -23.33 4.56 -6.53
C HIS A 182 -23.22 5.08 -5.08
N ASN A 183 -22.02 5.55 -4.74
CA ASN A 183 -21.75 6.08 -3.41
C ASN A 183 -21.70 7.60 -3.58
N PRO A 184 -22.53 8.36 -2.84
CA PRO A 184 -23.52 7.95 -1.84
C PRO A 184 -25.00 7.83 -2.20
N THR A 185 -25.38 8.06 -3.46
CA THR A 185 -26.80 8.02 -3.80
C THR A 185 -27.50 6.67 -3.85
N GLY A 186 -26.78 5.61 -4.20
CA GLY A 186 -27.40 4.30 -4.28
C GLY A 186 -28.22 4.18 -5.55
N ILE A 187 -28.11 5.19 -6.41
CA ILE A 187 -28.83 5.20 -7.66
C ILE A 187 -27.87 4.98 -8.83
N ASP A 188 -28.12 3.88 -9.56
CA ASP A 188 -27.30 3.51 -10.70
C ASP A 188 -28.08 3.65 -11.99
N PRO A 189 -27.36 3.73 -13.13
CA PRO A 189 -28.03 3.86 -14.43
C PRO A 189 -28.68 2.53 -14.78
N THR A 190 -29.69 2.56 -15.63
CA THR A 190 -30.33 1.32 -16.07
C THR A 190 -29.42 0.79 -17.16
N LEU A 191 -29.66 -0.44 -17.61
CA LEU A 191 -28.83 -0.98 -18.67
C LEU A 191 -28.94 -0.10 -19.91
N GLU A 192 -30.16 0.35 -20.21
CA GLU A 192 -30.38 1.21 -21.37
C GLU A 192 -29.56 2.50 -21.21
N GLN A 193 -29.55 3.05 -20.01
CA GLN A 193 -28.79 4.27 -19.75
C GLN A 193 -27.30 4.00 -19.90
N TRP A 194 -26.85 2.85 -19.42
CA TRP A 194 -25.44 2.47 -19.52
C TRP A 194 -25.06 2.41 -21.01
N GLN A 195 -25.91 1.76 -21.80
CA GLN A 195 -25.65 1.63 -23.23
C GLN A 195 -25.59 3.00 -23.90
N THR A 196 -26.47 3.91 -23.49
CA THR A 196 -26.46 5.24 -24.07
C THR A 196 -25.13 5.90 -23.74
N LEU A 197 -24.71 5.77 -22.48
CA LEU A 197 -23.43 6.36 -22.06
C LEU A 197 -22.24 5.74 -22.78
N ALA A 198 -22.22 4.42 -22.91
CA ALA A 198 -21.13 3.75 -23.60
C ALA A 198 -20.98 4.37 -24.98
N GLN A 199 -22.09 4.45 -25.72
CA GLN A 199 -22.09 5.02 -27.06
C GLN A 199 -21.63 6.48 -27.04
N LEU A 200 -22.18 7.27 -26.13
CA LEU A 200 -21.79 8.67 -26.03
C LEU A 200 -20.29 8.78 -25.77
N SER A 201 -19.80 7.92 -24.88
CA SER A 201 -18.39 7.89 -24.50
C SER A 201 -17.45 7.67 -25.70
N VAL A 202 -17.77 6.68 -26.53
CA VAL A 202 -16.92 6.40 -27.69
C VAL A 202 -16.92 7.57 -28.66
N GLU A 203 -18.10 8.10 -28.94
CA GLU A 203 -18.23 9.23 -29.87
C GLU A 203 -17.46 10.47 -29.41
N LYS A 204 -17.47 10.76 -28.12
CA LYS A 204 -16.77 11.91 -27.58
C LYS A 204 -15.28 11.62 -27.36
N GLY A 205 -14.93 10.34 -27.30
CA GLY A 205 -13.53 9.97 -27.10
C GLY A 205 -13.03 10.00 -25.66
N TRP A 206 -13.91 9.71 -24.71
CA TRP A 206 -13.52 9.69 -23.31
C TRP A 206 -12.77 8.42 -22.93
N LEU A 207 -11.93 8.52 -21.90
CA LEU A 207 -11.22 7.36 -21.40
C LEU A 207 -12.06 6.97 -20.19
N PRO A 208 -12.81 5.87 -20.26
CA PRO A 208 -13.63 5.46 -19.11
C PRO A 208 -12.82 4.84 -17.97
N LEU A 209 -13.10 5.28 -16.75
CA LEU A 209 -12.43 4.72 -15.57
C LEU A 209 -13.56 4.31 -14.64
N PHE A 210 -13.65 3.01 -14.38
CA PHE A 210 -14.70 2.46 -13.52
C PHE A 210 -14.22 2.17 -12.11
N ASP A 211 -15.00 2.60 -11.13
CA ASP A 211 -14.68 2.32 -9.73
C ASP A 211 -15.68 1.23 -9.34
N PHE A 212 -15.18 0.02 -9.14
CA PHE A 212 -16.04 -1.12 -8.83
C PHE A 212 -15.76 -1.62 -7.42
N ALA A 213 -16.40 -1.01 -6.42
CA ALA A 213 -16.17 -1.41 -5.04
C ALA A 213 -17.28 -2.24 -4.38
N TYR A 214 -18.40 -2.45 -5.07
CA TYR A 214 -19.51 -3.21 -4.48
C TYR A 214 -20.09 -4.28 -5.39
N GLN A 215 -19.31 -4.84 -6.29
CA GLN A 215 -19.84 -5.87 -7.19
C GLN A 215 -20.55 -6.95 -6.38
N GLY A 216 -21.81 -7.19 -6.73
CA GLY A 216 -22.59 -8.21 -6.04
C GLY A 216 -23.50 -7.68 -4.94
N PHE A 217 -23.44 -6.38 -4.67
CA PHE A 217 -24.29 -5.80 -3.64
C PHE A 217 -25.59 -5.19 -4.17
N ALA A 218 -25.73 -5.13 -5.49
CA ALA A 218 -26.94 -4.57 -6.08
C ALA A 218 -27.90 -5.70 -6.37
N ARG A 219 -27.61 -6.47 -7.41
CA ARG A 219 -28.44 -7.59 -7.80
C ARG A 219 -27.65 -8.90 -7.71
N GLY A 220 -26.48 -8.91 -8.32
CA GLY A 220 -25.65 -10.10 -8.30
C GLY A 220 -24.32 -9.86 -8.98
N LEU A 221 -23.41 -10.83 -8.86
CA LEU A 221 -22.08 -10.72 -9.45
C LEU A 221 -22.09 -10.35 -10.93
N GLU A 222 -22.81 -11.13 -11.74
CA GLU A 222 -22.89 -10.88 -13.17
C GLU A 222 -23.73 -9.66 -13.49
N GLU A 223 -24.90 -9.55 -12.85
CA GLU A 223 -25.78 -8.42 -13.11
C GLU A 223 -25.14 -7.07 -12.81
N ASP A 224 -24.44 -6.99 -11.68
CA ASP A 224 -23.79 -5.77 -11.27
C ASP A 224 -22.70 -5.37 -12.26
N ALA A 225 -22.26 -6.32 -13.07
CA ALA A 225 -21.20 -6.04 -14.03
C ALA A 225 -21.69 -5.65 -15.40
N GLU A 226 -23.01 -5.61 -15.60
CA GLU A 226 -23.58 -5.27 -16.92
C GLU A 226 -23.16 -3.93 -17.51
N GLY A 227 -23.20 -2.86 -16.72
CA GLY A 227 -22.81 -1.55 -17.21
C GLY A 227 -21.38 -1.57 -17.75
N LEU A 228 -20.47 -2.07 -16.91
CA LEU A 228 -19.06 -2.17 -17.27
C LEU A 228 -18.86 -2.97 -18.56
N ARG A 229 -19.56 -4.09 -18.65
CA ARG A 229 -19.44 -4.97 -19.81
C ARG A 229 -20.02 -4.35 -21.07
N ALA A 230 -20.94 -3.40 -20.92
CA ALA A 230 -21.50 -2.73 -22.08
C ALA A 230 -20.45 -1.77 -22.63
N PHE A 231 -19.64 -1.19 -21.74
CA PHE A 231 -18.57 -0.27 -22.15
C PHE A 231 -17.42 -1.04 -22.80
N ALA A 232 -17.00 -2.11 -22.15
CA ALA A 232 -15.88 -2.93 -22.62
C ALA A 232 -16.13 -3.53 -24.00
N ALA A 233 -17.39 -3.63 -24.38
CA ALA A 233 -17.76 -4.19 -25.68
C ALA A 233 -17.63 -3.16 -26.79
N MET A 234 -17.54 -1.89 -26.40
CA MET A 234 -17.45 -0.81 -27.36
C MET A 234 -16.19 0.00 -27.28
N HIS A 235 -15.44 -0.15 -26.19
CA HIS A 235 -14.24 0.63 -26.01
C HIS A 235 -12.92 -0.06 -26.29
N LYS A 236 -11.99 0.71 -26.83
CA LYS A 236 -10.66 0.22 -27.16
C LYS A 236 -9.84 0.18 -25.88
N GLU A 237 -9.95 1.26 -25.11
CA GLU A 237 -9.21 1.39 -23.87
C GLU A 237 -10.12 1.75 -22.70
N LEU A 238 -9.77 1.28 -21.52
CA LEU A 238 -10.56 1.61 -20.34
C LEU A 238 -9.81 1.12 -19.13
N ILE A 239 -10.13 1.69 -17.98
CA ILE A 239 -9.47 1.31 -16.74
C ILE A 239 -10.52 0.99 -15.68
N VAL A 240 -10.26 -0.05 -14.91
CA VAL A 240 -11.18 -0.40 -13.84
C VAL A 240 -10.43 -0.65 -12.57
N ALA A 241 -10.83 0.09 -11.54
CA ALA A 241 -10.25 -0.04 -10.22
C ALA A 241 -11.30 -0.77 -9.42
N SER A 242 -10.97 -1.96 -8.95
CA SER A 242 -11.95 -2.72 -8.19
C SER A 242 -11.45 -3.01 -6.78
N SER A 243 -12.38 -3.33 -5.89
CA SER A 243 -12.05 -3.60 -4.50
C SER A 243 -12.74 -4.85 -3.97
N TYR A 244 -12.05 -5.56 -3.10
CA TYR A 244 -12.61 -6.77 -2.49
C TYR A 244 -12.91 -6.50 -1.01
N SER A 245 -12.63 -5.27 -0.57
CA SER A 245 -12.86 -4.90 0.83
C SER A 245 -14.28 -5.20 1.31
N LYS A 246 -15.27 -4.91 0.46
CA LYS A 246 -16.67 -5.10 0.79
C LYS A 246 -17.24 -6.50 0.54
N ASN A 247 -17.14 -6.99 -0.69
CA ASN A 247 -17.71 -8.30 -0.97
C ASN A 247 -17.03 -9.51 -0.33
N PHE A 248 -15.87 -9.32 0.28
CA PHE A 248 -15.16 -10.42 0.95
C PHE A 248 -14.97 -10.06 2.43
N GLY A 249 -15.46 -8.88 2.81
CA GLY A 249 -15.30 -8.42 4.17
C GLY A 249 -13.84 -8.42 4.59
N LEU A 250 -12.96 -7.99 3.68
CA LEU A 250 -11.52 -7.94 3.94
C LEU A 250 -10.97 -6.52 4.01
N TYR A 251 -11.78 -5.60 4.55
CA TYR A 251 -11.42 -4.18 4.68
C TYR A 251 -9.94 -3.89 4.99
N ASN A 252 -9.47 -4.28 6.16
CA ASN A 252 -8.09 -3.99 6.57
C ASN A 252 -6.95 -4.80 5.94
N GLU A 253 -7.25 -5.73 5.04
CA GLU A 253 -6.17 -6.49 4.41
C GLU A 253 -5.76 -5.79 3.11
N ARG A 254 -6.59 -4.83 2.70
CA ARG A 254 -6.35 -4.02 1.51
C ARG A 254 -6.15 -4.84 0.23
N VAL A 255 -7.27 -5.34 -0.30
CA VAL A 255 -7.28 -6.15 -1.50
C VAL A 255 -8.05 -5.43 -2.59
N GLY A 256 -7.34 -5.10 -3.67
CA GLY A 256 -7.94 -4.40 -4.79
C GLY A 256 -7.19 -4.75 -6.04
N ALA A 257 -7.65 -4.24 -7.18
CA ALA A 257 -7.00 -4.51 -8.43
C ALA A 257 -7.22 -3.38 -9.40
N CYS A 258 -6.20 -3.07 -10.18
CA CYS A 258 -6.31 -2.05 -11.20
C CYS A 258 -6.17 -2.80 -12.51
N THR A 259 -7.25 -2.88 -13.27
CA THR A 259 -7.24 -3.57 -14.54
C THR A 259 -7.15 -2.59 -15.69
N LEU A 260 -6.15 -2.80 -16.52
CA LEU A 260 -5.88 -1.95 -17.67
C LEU A 260 -6.30 -2.68 -18.93
N VAL A 261 -6.98 -1.97 -19.83
CA VAL A 261 -7.44 -2.56 -21.08
C VAL A 261 -7.00 -1.70 -22.27
N ALA A 262 -6.39 -2.34 -23.26
CA ALA A 262 -5.92 -1.65 -24.45
C ALA A 262 -6.46 -2.33 -25.70
N ALA A 263 -6.20 -1.74 -26.87
CA ALA A 263 -6.69 -2.29 -28.13
C ALA A 263 -6.20 -3.71 -28.43
N ASP A 264 -4.94 -3.98 -28.11
CA ASP A 264 -4.38 -5.31 -28.36
C ASP A 264 -3.33 -5.64 -27.30
N SER A 265 -2.96 -6.92 -27.24
CA SER A 265 -2.00 -7.42 -26.27
C SER A 265 -0.69 -6.64 -26.27
N GLU A 266 -0.15 -6.38 -27.45
CA GLU A 266 1.11 -5.66 -27.58
C GLU A 266 1.06 -4.27 -26.92
N THR A 267 -0.05 -3.55 -27.10
CA THR A 267 -0.17 -2.24 -26.50
C THR A 267 -0.35 -2.29 -24.99
N VAL A 268 -1.26 -3.15 -24.53
CA VAL A 268 -1.53 -3.27 -23.10
C VAL A 268 -0.29 -3.72 -22.33
N ASP A 269 0.49 -4.62 -22.92
CA ASP A 269 1.71 -5.07 -22.26
C ASP A 269 2.67 -3.92 -22.09
N ARG A 270 2.83 -3.12 -23.14
CA ARG A 270 3.76 -2.00 -23.08
C ARG A 270 3.34 -0.97 -22.04
N ALA A 271 2.07 -0.56 -22.07
CA ALA A 271 1.56 0.43 -21.12
C ALA A 271 1.59 -0.11 -19.68
N PHE A 272 1.36 -1.41 -19.53
CA PHE A 272 1.35 -2.03 -18.21
C PHE A 272 2.73 -1.97 -17.56
N SER A 273 3.78 -2.05 -18.36
CA SER A 273 5.13 -2.01 -17.81
C SER A 273 5.34 -0.66 -17.14
N GLN A 274 4.68 0.36 -17.68
CA GLN A 274 4.79 1.70 -17.10
C GLN A 274 3.94 1.78 -15.82
N MET A 275 2.87 0.99 -15.79
CA MET A 275 2.03 0.98 -14.61
C MET A 275 2.83 0.32 -13.49
N LYS A 276 3.56 -0.74 -13.82
CA LYS A 276 4.37 -1.41 -12.82
C LYS A 276 5.45 -0.47 -12.29
N ALA A 277 5.98 0.38 -13.17
CA ALA A 277 7.00 1.34 -12.77
C ALA A 277 6.41 2.29 -11.72
N ALA A 278 5.16 2.69 -11.95
CA ALA A 278 4.47 3.60 -11.03
C ALA A 278 4.28 2.92 -9.67
N ILE A 279 3.98 1.64 -9.69
CA ILE A 279 3.78 0.89 -8.46
C ILE A 279 5.09 0.75 -7.70
N ARG A 280 6.17 0.48 -8.43
CA ARG A 280 7.50 0.31 -7.87
C ARG A 280 7.97 1.55 -7.12
N ALA A 281 7.58 2.72 -7.59
CA ALA A 281 7.98 3.98 -6.97
C ALA A 281 7.06 4.38 -5.83
N ASN A 282 6.04 3.58 -5.58
CA ASN A 282 5.08 3.85 -4.51
C ASN A 282 5.27 2.89 -3.34
N TYR A 283 4.75 1.68 -3.47
CA TYR A 283 4.88 0.70 -2.39
C TYR A 283 5.66 -0.56 -2.78
N SER A 284 6.25 -0.53 -3.98
CA SER A 284 7.09 -1.61 -4.50
C SER A 284 6.37 -2.89 -4.96
N ASN A 285 5.67 -3.54 -4.05
CA ASN A 285 4.91 -4.76 -4.37
C ASN A 285 3.79 -4.87 -3.32
N PRO A 286 2.67 -5.50 -3.68
CA PRO A 286 1.49 -5.68 -2.82
C PRO A 286 1.50 -6.68 -1.67
N PRO A 287 0.69 -6.40 -0.62
CA PRO A 287 0.58 -7.27 0.57
C PRO A 287 -0.09 -8.55 0.10
N ALA A 288 0.49 -9.68 0.47
CA ALA A 288 0.00 -10.99 0.06
C ALA A 288 -1.26 -11.58 0.71
N HIS A 289 -1.36 -11.50 2.03
CA HIS A 289 -2.47 -12.14 2.76
C HIS A 289 -3.89 -12.00 2.19
N GLY A 290 -4.42 -10.78 2.20
CA GLY A 290 -5.77 -10.58 1.68
C GLY A 290 -5.94 -11.14 0.28
N ALA A 291 -5.06 -10.76 -0.63
CA ALA A 291 -5.13 -11.23 -2.01
C ALA A 291 -5.01 -12.75 -2.11
N SER A 292 -4.20 -13.37 -1.25
CA SER A 292 -4.05 -14.83 -1.29
C SER A 292 -5.37 -15.49 -0.90
N VAL A 293 -5.99 -14.94 0.13
CA VAL A 293 -7.26 -15.45 0.60
C VAL A 293 -8.25 -15.45 -0.58
N VAL A 294 -8.36 -14.29 -1.24
CA VAL A 294 -9.27 -14.15 -2.36
C VAL A 294 -8.98 -15.12 -3.49
N ALA A 295 -7.71 -15.21 -3.90
CA ALA A 295 -7.35 -16.11 -4.98
C ALA A 295 -7.66 -17.56 -4.60
N THR A 296 -7.51 -17.87 -3.31
CA THR A 296 -7.78 -19.22 -2.81
C THR A 296 -9.27 -19.54 -2.95
N ILE A 297 -10.12 -18.62 -2.47
CA ILE A 297 -11.56 -18.81 -2.52
C ILE A 297 -12.09 -18.88 -3.95
N LEU A 298 -11.69 -17.94 -4.79
CA LEU A 298 -12.15 -17.93 -6.18
C LEU A 298 -11.67 -19.14 -6.97
N SER A 299 -10.59 -19.77 -6.51
CA SER A 299 -10.02 -20.92 -7.20
C SER A 299 -10.57 -22.28 -6.78
N ASN A 300 -11.16 -22.35 -5.59
CA ASN A 300 -11.71 -23.58 -5.07
C ASN A 300 -13.22 -23.50 -5.17
N ASP A 301 -13.85 -24.46 -5.85
CA ASP A 301 -15.30 -24.46 -6.01
C ASP A 301 -16.10 -24.60 -4.71
N ALA A 302 -15.55 -25.32 -3.74
CA ALA A 302 -16.23 -25.50 -2.47
C ALA A 302 -16.27 -24.18 -1.70
N LEU A 303 -15.12 -23.53 -1.60
CA LEU A 303 -15.03 -22.24 -0.90
C LEU A 303 -15.82 -21.18 -1.65
N ARG A 304 -15.75 -21.22 -2.98
CA ARG A 304 -16.44 -20.28 -3.86
C ARG A 304 -17.97 -20.34 -3.69
N ALA A 305 -18.50 -21.54 -3.43
CA ALA A 305 -19.94 -21.70 -3.25
C ALA A 305 -20.29 -21.11 -1.89
N ILE A 306 -19.44 -21.35 -0.91
CA ILE A 306 -19.66 -20.83 0.43
C ILE A 306 -19.71 -19.31 0.37
N TRP A 307 -18.62 -18.69 -0.11
CA TRP A 307 -18.54 -17.25 -0.21
C TRP A 307 -19.72 -16.61 -0.93
N GLU A 308 -20.10 -17.19 -2.08
CA GLU A 308 -21.22 -16.65 -2.82
C GLU A 308 -22.48 -16.63 -1.98
N GLN A 309 -22.62 -17.61 -1.09
CA GLN A 309 -23.79 -17.67 -0.24
C GLN A 309 -23.72 -16.57 0.81
N GLU A 310 -22.54 -16.36 1.37
CA GLU A 310 -22.34 -15.34 2.39
C GLU A 310 -22.58 -13.95 1.82
N LEU A 311 -22.23 -13.78 0.55
CA LEU A 311 -22.41 -12.50 -0.11
C LEU A 311 -23.91 -12.27 -0.32
N THR A 312 -24.60 -13.34 -0.72
CA THR A 312 -26.04 -13.28 -0.94
C THR A 312 -26.75 -12.91 0.36
N ASP A 313 -26.28 -13.47 1.46
CA ASP A 313 -26.88 -13.19 2.76
C ASP A 313 -26.66 -11.73 3.16
N MET A 314 -25.50 -11.18 2.84
CA MET A 314 -25.22 -9.79 3.20
C MET A 314 -26.12 -8.85 2.38
N ARG A 315 -26.23 -9.12 1.09
CA ARG A 315 -27.04 -8.30 0.22
C ARG A 315 -28.47 -8.31 0.70
N GLN A 316 -28.99 -9.50 0.95
CA GLN A 316 -30.36 -9.66 1.42
C GLN A 316 -30.68 -8.96 2.74
N ARG A 317 -29.79 -9.06 3.74
CA ARG A 317 -30.06 -8.40 5.01
C ARG A 317 -30.11 -6.89 4.85
N ILE A 318 -29.31 -6.37 3.93
CA ILE A 318 -29.29 -4.95 3.67
C ILE A 318 -30.64 -4.51 3.09
N GLN A 319 -31.14 -5.27 2.12
CA GLN A 319 -32.43 -4.96 1.51
C GLN A 319 -33.55 -5.11 2.53
N ARG A 320 -33.45 -6.10 3.40
CA ARG A 320 -34.47 -6.32 4.41
C ARG A 320 -34.47 -5.08 5.31
N MET A 321 -33.28 -4.63 5.71
CA MET A 321 -33.16 -3.45 6.56
C MET A 321 -33.72 -2.20 5.87
N ARG A 322 -33.59 -2.12 4.55
CA ARG A 322 -34.11 -0.96 3.84
C ARG A 322 -35.62 -0.88 4.01
N GLN A 323 -36.29 -2.00 3.89
CA GLN A 323 -37.74 -2.01 4.06
C GLN A 323 -38.10 -1.71 5.51
N LEU A 324 -37.33 -2.28 6.45
CA LEU A 324 -37.59 -2.07 7.87
C LEU A 324 -37.41 -0.60 8.24
N PHE A 325 -36.40 0.02 7.65
CA PHE A 325 -36.10 1.42 7.91
C PHE A 325 -37.29 2.28 7.49
N VAL A 326 -37.78 2.07 6.28
CA VAL A 326 -38.92 2.84 5.81
C VAL A 326 -40.17 2.60 6.68
N ASN A 327 -40.50 1.34 6.96
CA ASN A 327 -41.67 1.04 7.78
C ASN A 327 -41.60 1.68 9.15
N THR A 328 -40.48 1.53 9.84
CA THR A 328 -40.34 2.10 11.17
C THR A 328 -40.40 3.63 11.20
N LEU A 329 -39.90 4.27 10.15
CA LEU A 329 -39.93 5.74 10.07
C LEU A 329 -41.40 6.15 10.14
N GLN A 330 -42.23 5.45 9.37
CA GLN A 330 -43.65 5.73 9.36
C GLN A 330 -44.20 5.48 10.75
N GLU A 331 -43.97 4.27 11.26
CA GLU A 331 -44.46 3.88 12.57
C GLU A 331 -44.15 4.89 13.66
N LYS A 332 -42.94 5.45 13.64
CA LYS A 332 -42.54 6.42 14.64
C LYS A 332 -43.03 7.85 14.42
N GLY A 333 -43.80 8.07 13.35
CA GLY A 333 -44.36 9.39 13.11
C GLY A 333 -43.75 10.34 12.09
N ALA A 334 -43.04 9.82 11.09
CA ALA A 334 -42.47 10.69 10.07
C ALA A 334 -43.51 11.03 9.02
N ASN A 335 -43.65 12.32 8.71
CA ASN A 335 -44.62 12.76 7.72
C ASN A 335 -44.00 12.80 6.34
N ARG A 336 -42.68 12.91 6.30
CA ARG A 336 -41.97 12.93 5.02
C ARG A 336 -41.99 11.51 4.46
N ASP A 337 -42.10 11.40 3.15
CA ASP A 337 -42.14 10.09 2.49
C ASP A 337 -40.71 9.60 2.21
N PHE A 338 -40.33 8.47 2.79
CA PHE A 338 -38.99 7.92 2.58
C PHE A 338 -39.00 6.68 1.71
N SER A 339 -40.09 6.50 0.95
CA SER A 339 -40.24 5.34 0.08
C SER A 339 -39.10 5.20 -0.89
N PHE A 340 -38.52 6.32 -1.30
CA PHE A 340 -37.45 6.31 -2.28
C PHE A 340 -36.26 5.45 -1.85
N ILE A 341 -36.12 5.24 -0.54
CA ILE A 341 -35.05 4.42 0.00
C ILE A 341 -35.05 3.03 -0.63
N ILE A 342 -36.25 2.43 -0.71
CA ILE A 342 -36.42 1.09 -1.27
C ILE A 342 -35.87 0.95 -2.69
N LYS A 343 -35.72 2.07 -3.38
CA LYS A 343 -35.21 2.03 -4.75
C LYS A 343 -33.70 2.15 -4.83
N GLN A 344 -33.06 2.52 -3.74
CA GLN A 344 -31.61 2.68 -3.75
C GLN A 344 -30.88 1.35 -3.58
N ASN A 345 -29.74 1.22 -4.24
CA ASN A 345 -28.91 0.01 -4.19
C ASN A 345 -27.67 0.15 -3.32
N GLY A 346 -27.22 -0.98 -2.80
CA GLY A 346 -26.01 -0.99 -1.99
C GLY A 346 -26.18 -0.82 -0.50
N MET A 347 -25.10 -0.39 0.14
CA MET A 347 -25.06 -0.20 1.58
C MET A 347 -25.62 1.14 2.02
N PHE A 348 -25.43 2.14 1.19
CA PHE A 348 -25.84 3.48 1.53
C PHE A 348 -27.18 3.93 1.02
N SER A 349 -27.64 5.01 1.63
CA SER A 349 -28.89 5.62 1.31
C SER A 349 -28.70 7.11 1.53
N PHE A 350 -29.12 7.90 0.56
CA PHE A 350 -29.00 9.34 0.67
C PHE A 350 -30.32 9.75 1.35
N SER A 351 -30.25 9.99 2.66
CA SER A 351 -31.43 10.33 3.46
C SER A 351 -32.18 11.61 3.12
N GLY A 352 -31.44 12.66 2.81
CA GLY A 352 -32.09 13.92 2.50
C GLY A 352 -31.91 14.89 3.66
N LEU A 353 -31.46 14.38 4.80
CA LEU A 353 -31.21 15.23 5.96
C LEU A 353 -30.21 16.30 5.55
N THR A 354 -30.24 17.43 6.25
CA THR A 354 -29.33 18.54 5.98
C THR A 354 -28.13 18.44 6.93
N LYS A 355 -27.09 19.21 6.63
CA LYS A 355 -25.88 19.20 7.47
C LYS A 355 -26.25 19.60 8.90
N GLU A 356 -27.25 20.48 9.02
CA GLU A 356 -27.72 20.94 10.32
C GLU A 356 -28.34 19.77 11.09
N GLN A 357 -29.24 19.05 10.43
CA GLN A 357 -29.93 17.92 11.03
C GLN A 357 -28.99 16.76 11.38
N VAL A 358 -28.03 16.48 10.51
CA VAL A 358 -27.08 15.41 10.76
C VAL A 358 -26.28 15.72 12.02
N LEU A 359 -25.97 17.00 12.20
CA LEU A 359 -25.21 17.46 13.35
C LEU A 359 -26.05 17.36 14.62
N ARG A 360 -27.36 17.51 14.49
CA ARG A 360 -28.25 17.43 15.64
C ARG A 360 -28.34 15.96 16.10
N LEU A 361 -28.54 15.06 15.15
CA LEU A 361 -28.62 13.63 15.46
C LEU A 361 -27.40 13.19 16.25
N ARG A 362 -26.23 13.67 15.83
CA ARG A 362 -25.00 13.30 16.50
C ARG A 362 -24.94 13.83 17.93
N GLU A 363 -24.80 15.14 18.06
CA GLU A 363 -24.67 15.78 19.36
C GLU A 363 -25.87 15.68 20.30
N GLU A 364 -27.06 15.47 19.76
CA GLU A 364 -28.24 15.43 20.59
C GLU A 364 -28.78 14.01 20.84
N PHE A 365 -28.64 13.14 19.85
CA PHE A 365 -29.15 11.77 19.97
C PHE A 365 -28.07 10.71 19.85
N GLY A 366 -26.83 11.13 19.64
CA GLY A 366 -25.74 10.19 19.53
C GLY A 366 -25.81 9.27 18.32
N VAL A 367 -26.48 9.72 17.26
CA VAL A 367 -26.60 8.92 16.03
C VAL A 367 -25.64 9.53 15.00
N TYR A 368 -24.69 8.73 14.53
CA TYR A 368 -23.70 9.22 13.59
C TYR A 368 -23.91 8.86 12.13
N ALA A 369 -23.88 9.88 11.28
CA ALA A 369 -24.04 9.74 9.84
C ALA A 369 -23.03 10.70 9.21
N VAL A 370 -22.79 10.56 7.91
CA VAL A 370 -21.85 11.46 7.24
C VAL A 370 -22.59 12.77 6.98
N ALA A 371 -21.88 13.88 7.09
CA ALA A 371 -22.48 15.21 6.92
C ALA A 371 -23.32 15.45 5.66
N SER A 372 -23.17 14.61 4.65
CA SER A 372 -23.94 14.79 3.42
C SER A 372 -25.31 14.11 3.52
N GLY A 373 -25.60 13.55 4.69
CA GLY A 373 -26.88 12.88 4.87
C GLY A 373 -26.81 11.41 4.52
N ARG A 374 -25.65 10.94 4.09
CA ARG A 374 -25.52 9.53 3.75
C ARG A 374 -25.58 8.72 5.04
N VAL A 375 -26.38 7.66 5.01
CA VAL A 375 -26.52 6.81 6.18
C VAL A 375 -26.23 5.37 5.74
N ASN A 376 -25.47 4.63 6.55
CA ASN A 376 -25.15 3.25 6.19
C ASN A 376 -26.22 2.26 6.63
N VAL A 377 -27.04 1.83 5.68
CA VAL A 377 -28.11 0.89 5.95
C VAL A 377 -27.58 -0.46 6.45
N ALA A 378 -26.36 -0.81 6.04
CA ALA A 378 -25.77 -2.07 6.48
C ALA A 378 -25.44 -2.01 7.96
N GLY A 379 -25.56 -0.83 8.55
CA GLY A 379 -25.24 -0.71 9.97
C GLY A 379 -26.45 -0.79 10.87
N MET A 380 -27.64 -0.80 10.26
CA MET A 380 -28.89 -0.84 11.01
C MET A 380 -29.25 -2.27 11.39
N THR A 381 -29.78 -2.42 12.60
CA THR A 381 -30.18 -3.74 13.07
C THR A 381 -31.56 -3.70 13.70
N PRO A 382 -32.16 -4.88 13.91
CA PRO A 382 -33.48 -4.95 14.52
C PRO A 382 -33.48 -4.30 15.92
N ASP A 383 -32.30 -4.23 16.55
CA ASP A 383 -32.17 -3.64 17.88
C ASP A 383 -31.95 -2.13 17.95
N ASN A 384 -31.38 -1.53 16.91
CA ASN A 384 -31.17 -0.08 16.95
C ASN A 384 -32.12 0.65 16.02
N MET A 385 -32.90 -0.10 15.25
CA MET A 385 -33.83 0.50 14.31
C MET A 385 -34.81 1.48 14.94
N ALA A 386 -35.43 1.09 16.05
CA ALA A 386 -36.40 1.94 16.73
C ALA A 386 -35.76 3.21 17.29
N PRO A 387 -34.70 3.07 18.10
CA PRO A 387 -34.05 4.27 18.65
C PRO A 387 -33.64 5.22 17.52
N LEU A 388 -33.09 4.64 16.46
CA LEU A 388 -32.61 5.37 15.29
C LEU A 388 -33.71 6.17 14.60
N CYS A 389 -34.83 5.51 14.28
CA CYS A 389 -35.92 6.18 13.61
C CYS A 389 -36.56 7.26 14.50
N GLU A 390 -36.55 7.03 15.81
CA GLU A 390 -37.12 8.00 16.74
C GLU A 390 -36.26 9.25 16.74
N ALA A 391 -34.96 9.07 16.54
CA ALA A 391 -34.04 10.20 16.51
C ALA A 391 -34.27 11.02 15.24
N ILE A 392 -34.29 10.34 14.09
CA ILE A 392 -34.49 11.04 12.82
C ILE A 392 -35.79 11.85 12.86
N VAL A 393 -36.88 11.20 13.26
CA VAL A 393 -38.18 11.86 13.34
C VAL A 393 -38.14 13.13 14.19
N ALA A 394 -37.39 13.10 15.29
CA ALA A 394 -37.28 14.24 16.18
C ALA A 394 -36.58 15.43 15.53
N VAL A 395 -35.78 15.16 14.49
CA VAL A 395 -35.02 16.21 13.83
C VAL A 395 -35.65 16.72 12.53
N LEU A 396 -36.63 16.00 12.00
CA LEU A 396 -37.27 16.42 10.76
C LEU A 396 -38.07 17.70 10.96
N MET B 1 -5.12 6.29 -26.64
CA MET B 1 -4.54 7.09 -25.53
C MET B 1 -3.32 6.34 -24.99
N PHE B 2 -3.22 5.04 -25.29
CA PHE B 2 -2.10 4.24 -24.82
C PHE B 2 -1.17 3.81 -25.97
N GLU B 3 -1.49 4.22 -27.18
CA GLU B 3 -0.72 3.89 -28.38
C GLU B 3 0.76 4.26 -28.34
N ASN B 4 1.06 5.46 -27.86
CA ASN B 4 2.43 5.94 -27.84
C ASN B 4 3.19 5.83 -26.54
N ILE B 5 2.72 5.02 -25.61
CA ILE B 5 3.43 4.86 -24.35
C ILE B 5 4.66 4.01 -24.61
N THR B 6 5.84 4.51 -24.26
CA THR B 6 7.06 3.74 -24.47
C THR B 6 7.22 2.75 -23.30
N ALA B 7 7.65 1.53 -23.61
CA ALA B 7 7.83 0.52 -22.58
C ALA B 7 8.87 0.98 -21.56
N ALA B 8 8.72 0.51 -20.34
CA ALA B 8 9.66 0.87 -19.28
C ALA B 8 10.71 -0.23 -19.19
N PRO B 9 11.92 0.11 -18.72
CA PRO B 9 12.96 -0.91 -18.60
C PRO B 9 12.67 -1.70 -17.34
N ALA B 10 13.16 -2.94 -17.28
CA ALA B 10 12.91 -3.75 -16.10
C ALA B 10 13.62 -3.14 -14.90
N ASP B 11 13.12 -3.42 -13.72
CA ASP B 11 13.73 -2.92 -12.49
C ASP B 11 15.07 -3.65 -12.36
N PRO B 12 16.15 -2.91 -12.05
CA PRO B 12 17.46 -3.55 -11.92
C PRO B 12 17.57 -4.63 -10.84
N ILE B 13 16.61 -4.65 -9.92
CA ILE B 13 16.65 -5.65 -8.87
C ILE B 13 15.47 -6.64 -8.98
N LEU B 14 14.25 -6.11 -9.06
CA LEU B 14 13.09 -6.99 -9.17
C LEU B 14 13.03 -7.65 -10.54
N GLY B 15 13.59 -7.00 -11.56
CA GLY B 15 13.59 -7.57 -12.88
C GLY B 15 14.35 -8.89 -12.92
N LEU B 16 15.52 -8.92 -12.27
CA LEU B 16 16.34 -10.14 -12.21
C LEU B 16 15.59 -11.34 -11.66
N ALA B 17 14.66 -11.10 -10.75
CA ALA B 17 13.87 -12.17 -10.15
C ALA B 17 13.11 -12.91 -11.25
N ASP B 18 12.60 -12.18 -12.22
CA ASP B 18 11.86 -12.78 -13.32
C ASP B 18 12.79 -13.63 -14.18
N LEU B 19 13.94 -13.08 -14.54
CA LEU B 19 14.91 -13.80 -15.35
C LEU B 19 15.33 -15.09 -14.66
N PHE B 20 15.62 -15.00 -13.37
CA PHE B 20 16.04 -16.16 -12.60
C PHE B 20 14.97 -17.24 -12.58
N ARG B 21 13.74 -16.85 -12.26
CA ARG B 21 12.65 -17.80 -12.19
C ARG B 21 12.49 -18.51 -13.53
N ALA B 22 12.71 -17.78 -14.61
CA ALA B 22 12.58 -18.32 -15.95
C ALA B 22 13.77 -19.17 -16.39
N ASP B 23 14.96 -18.85 -15.89
CA ASP B 23 16.15 -19.59 -16.27
C ASP B 23 15.96 -21.08 -16.10
N GLU B 24 16.22 -21.82 -17.17
CA GLU B 24 16.07 -23.26 -17.21
C GLU B 24 17.17 -24.08 -16.52
N ARG B 25 18.38 -23.54 -16.47
CA ARG B 25 19.49 -24.26 -15.84
C ARG B 25 19.14 -24.75 -14.44
N PRO B 26 19.39 -26.04 -14.16
CA PRO B 26 19.09 -26.59 -12.84
C PRO B 26 20.10 -26.14 -11.78
N GLY B 27 21.27 -25.68 -12.20
CA GLY B 27 22.27 -25.26 -11.22
C GLY B 27 22.33 -23.77 -10.94
N LYS B 28 21.38 -23.00 -11.47
CA LYS B 28 21.35 -21.54 -11.29
C LYS B 28 21.40 -21.10 -9.82
N ILE B 29 22.07 -19.99 -9.55
CA ILE B 29 22.23 -19.46 -8.19
C ILE B 29 21.74 -18.01 -8.10
N ASN B 30 20.85 -17.75 -7.15
CA ASN B 30 20.26 -16.42 -6.95
C ASN B 30 20.89 -15.60 -5.82
N LEU B 31 21.65 -14.58 -6.20
CA LEU B 31 22.32 -13.69 -5.22
C LEU B 31 21.87 -12.26 -5.53
N GLY B 32 20.70 -12.12 -6.15
CA GLY B 32 20.19 -10.81 -6.51
C GLY B 32 19.42 -10.10 -5.41
N ILE B 33 18.10 -10.35 -5.34
CA ILE B 33 17.24 -9.70 -4.36
C ILE B 33 17.69 -9.91 -2.92
N GLY B 34 17.59 -8.85 -2.12
CA GLY B 34 17.99 -8.90 -0.73
C GLY B 34 17.02 -9.69 0.14
N VAL B 35 17.06 -11.01 -0.02
CA VAL B 35 16.20 -11.90 0.73
C VAL B 35 17.06 -12.93 1.45
N TYR B 36 16.73 -13.20 2.70
CA TYR B 36 17.48 -14.17 3.49
C TYR B 36 17.15 -15.62 3.15
N LYS B 37 18.16 -16.48 3.20
CA LYS B 37 17.99 -17.90 2.94
C LYS B 37 18.64 -18.65 4.09
N ASP B 38 18.08 -19.77 4.50
CA ASP B 38 18.66 -20.55 5.57
C ASP B 38 19.67 -21.54 4.95
N GLU B 39 20.25 -22.40 5.78
CA GLU B 39 21.24 -23.36 5.31
C GLU B 39 20.83 -24.21 4.10
N THR B 40 19.55 -24.45 3.92
CA THR B 40 19.08 -25.26 2.79
C THR B 40 18.70 -24.46 1.55
N GLY B 41 19.01 -23.16 1.58
CA GLY B 41 18.71 -22.31 0.43
C GLY B 41 17.26 -21.90 0.30
N LYS B 42 16.51 -21.95 1.40
CA LYS B 42 15.11 -21.56 1.39
C LYS B 42 14.90 -20.29 2.22
N THR B 43 13.82 -19.58 1.92
CA THR B 43 13.46 -18.36 2.66
C THR B 43 12.27 -18.78 3.51
N PRO B 44 12.53 -19.34 4.70
CA PRO B 44 11.45 -19.79 5.58
C PRO B 44 10.66 -18.67 6.25
N VAL B 45 9.55 -19.08 6.85
CA VAL B 45 8.70 -18.17 7.61
C VAL B 45 9.22 -18.41 9.02
N LEU B 46 9.54 -17.35 9.75
CA LEU B 46 10.04 -17.52 11.11
C LEU B 46 9.02 -18.24 11.97
N THR B 47 9.49 -19.01 12.94
CA THR B 47 8.61 -19.75 13.83
C THR B 47 7.84 -18.75 14.70
N SER B 48 8.51 -17.66 15.09
CA SER B 48 7.84 -16.64 15.89
C SER B 48 6.65 -16.13 15.09
N VAL B 49 6.87 -15.86 13.80
CA VAL B 49 5.81 -15.38 12.91
C VAL B 49 4.66 -16.39 12.77
N LYS B 50 5.00 -17.63 12.44
CA LYS B 50 4.00 -18.69 12.28
C LYS B 50 3.11 -18.84 13.51
N LYS B 51 3.70 -18.69 14.70
CA LYS B 51 2.95 -18.78 15.94
C LYS B 51 2.01 -17.58 16.09
N ALA B 52 2.51 -16.40 15.72
CA ALA B 52 1.69 -15.21 15.81
C ALA B 52 0.49 -15.34 14.85
N GLU B 53 0.74 -15.87 13.66
CA GLU B 53 -0.31 -16.05 12.68
C GLU B 53 -1.37 -17.03 13.17
N GLN B 54 -0.94 -18.01 13.94
CA GLN B 54 -1.85 -19.01 14.50
C GLN B 54 -2.79 -18.33 15.49
N TYR B 55 -2.24 -17.45 16.32
CA TYR B 55 -3.01 -16.70 17.30
C TYR B 55 -4.04 -15.87 16.56
N LEU B 56 -3.57 -15.06 15.60
CA LEU B 56 -4.46 -14.21 14.81
C LEU B 56 -5.62 -14.98 14.19
N LEU B 57 -5.33 -16.16 13.65
CA LEU B 57 -6.36 -16.98 13.03
C LEU B 57 -7.46 -17.39 14.01
N GLU B 58 -7.07 -17.73 15.24
CA GLU B 58 -8.04 -18.15 16.23
C GLU B 58 -8.60 -17.06 17.13
N ASN B 59 -8.15 -15.83 16.97
CA ASN B 59 -8.65 -14.78 17.83
C ASN B 59 -9.18 -13.55 17.11
N GLU B 60 -8.87 -13.42 15.83
CA GLU B 60 -9.34 -12.29 15.04
C GLU B 60 -10.84 -12.42 14.82
N THR B 61 -11.60 -11.39 15.21
CA THR B 61 -13.04 -11.43 15.06
C THR B 61 -13.54 -10.54 13.93
N THR B 62 -12.76 -9.55 13.54
CA THR B 62 -13.17 -8.62 12.48
C THR B 62 -11.99 -8.19 11.59
N LYS B 63 -12.30 -7.77 10.37
CA LYS B 63 -11.29 -7.28 9.43
C LYS B 63 -11.59 -5.80 9.17
N ASN B 64 -12.31 -5.20 10.11
CA ASN B 64 -12.71 -3.81 10.04
C ASN B 64 -11.52 -2.87 9.82
N TYR B 65 -11.73 -1.85 8.98
CA TYR B 65 -10.69 -0.86 8.65
C TYR B 65 -9.78 -0.50 9.80
N LEU B 66 -8.49 -0.46 9.52
CA LEU B 66 -7.47 -0.22 10.52
C LEU B 66 -6.92 1.17 10.78
N GLY B 67 -7.76 2.21 10.77
CA GLY B 67 -7.25 3.56 11.05
C GLY B 67 -6.15 4.00 10.11
N ILE B 68 -6.25 5.22 9.58
CA ILE B 68 -5.25 5.74 8.63
C ILE B 68 -3.80 5.47 8.98
N ASP B 69 -3.44 5.67 10.26
CA ASP B 69 -2.06 5.46 10.69
C ASP B 69 -1.80 4.05 11.25
N GLY B 70 -2.76 3.15 11.03
CA GLY B 70 -2.61 1.77 11.47
C GLY B 70 -2.73 1.41 12.94
N ILE B 71 -2.25 0.22 13.28
CA ILE B 71 -2.29 -0.31 14.63
C ILE B 71 -1.47 0.51 15.62
N PRO B 72 -2.13 1.06 16.65
CA PRO B 72 -1.48 1.88 17.69
C PRO B 72 -0.30 1.20 18.39
N GLU B 73 -0.49 -0.03 18.87
CA GLU B 73 0.58 -0.76 19.55
C GLU B 73 1.79 -0.90 18.62
N PHE B 74 1.53 -1.06 17.33
CA PHE B 74 2.58 -1.19 16.33
C PHE B 74 3.43 0.08 16.34
N GLY B 75 2.77 1.23 16.25
CA GLY B 75 3.47 2.50 16.24
C GLY B 75 4.32 2.69 17.48
N ARG B 76 3.79 2.31 18.63
CA ARG B 76 4.51 2.44 19.88
C ARG B 76 5.73 1.52 19.90
N CYS B 77 5.52 0.27 19.48
CA CYS B 77 6.61 -0.69 19.44
C CYS B 77 7.75 -0.30 18.51
N THR B 78 7.45 0.35 17.39
CA THR B 78 8.52 0.73 16.49
C THR B 78 9.28 1.94 17.05
N GLN B 79 8.61 2.73 17.87
CA GLN B 79 9.28 3.90 18.44
C GLN B 79 10.29 3.49 19.52
N GLU B 80 9.97 2.46 20.30
CA GLU B 80 10.91 2.01 21.32
C GLU B 80 12.13 1.38 20.66
N LEU B 81 11.92 0.58 19.61
CA LEU B 81 13.04 -0.07 18.90
C LEU B 81 13.94 0.96 18.24
N LEU B 82 13.36 2.07 17.77
CA LEU B 82 14.13 3.10 17.10
C LEU B 82 14.80 4.08 18.06
N PHE B 83 14.10 4.46 19.12
CA PHE B 83 14.63 5.44 20.08
C PHE B 83 14.97 4.92 21.47
N GLY B 84 14.59 3.69 21.78
CA GLY B 84 14.89 3.17 23.12
C GLY B 84 13.73 3.46 24.03
N LYS B 85 13.41 2.51 24.91
CA LYS B 85 12.27 2.63 25.84
C LYS B 85 12.15 3.97 26.57
N GLY B 86 13.18 4.39 27.28
CA GLY B 86 13.09 5.64 28.02
C GLY B 86 13.53 6.88 27.28
N SER B 87 13.22 6.97 26.00
CA SER B 87 13.63 8.12 25.19
C SER B 87 12.85 9.39 25.50
N ALA B 88 13.56 10.52 25.44
CA ALA B 88 12.94 11.82 25.69
C ALA B 88 11.92 12.08 24.60
N LEU B 89 12.26 11.68 23.37
CA LEU B 89 11.37 11.87 22.24
C LEU B 89 10.01 11.28 22.55
N ILE B 90 10.01 10.03 23.02
CA ILE B 90 8.77 9.35 23.35
C ILE B 90 8.08 10.01 24.54
N ASN B 91 8.85 10.36 25.55
CA ASN B 91 8.30 10.99 26.74
C ASN B 91 7.71 12.36 26.43
N ASP B 92 8.44 13.16 25.67
CA ASP B 92 7.96 14.50 25.30
C ASP B 92 6.92 14.41 24.18
N LYS B 93 6.49 13.20 23.87
CA LYS B 93 5.50 12.98 22.82
C LYS B 93 5.78 13.79 21.56
N ARG B 94 7.04 13.77 21.11
CA ARG B 94 7.46 14.52 19.93
C ARG B 94 7.42 13.70 18.65
N ALA B 95 7.17 12.39 18.77
CA ALA B 95 7.15 11.52 17.60
C ALA B 95 5.79 10.91 17.29
N ARG B 96 5.47 10.84 16.01
CA ARG B 96 4.21 10.24 15.57
C ARG B 96 4.59 9.21 14.50
N THR B 97 4.07 8.00 14.63
CA THR B 97 4.40 6.92 13.69
C THR B 97 3.22 6.39 12.88
N ALA B 98 3.40 6.31 11.56
CA ALA B 98 2.35 5.77 10.71
C ALA B 98 2.77 4.40 10.18
N GLN B 99 1.90 3.41 10.33
CA GLN B 99 2.17 2.08 9.82
C GLN B 99 2.04 2.23 8.30
N THR B 100 3.00 1.71 7.53
CA THR B 100 2.95 1.83 6.07
C THR B 100 3.20 0.49 5.40
N PRO B 101 2.90 0.40 4.10
CA PRO B 101 3.12 -0.86 3.38
C PRO B 101 4.59 -1.01 2.97
N GLY B 102 5.42 -1.52 3.88
CA GLY B 102 6.83 -1.71 3.62
C GLY B 102 7.68 -0.48 3.84
N GLY B 103 8.99 -0.63 3.69
CA GLY B 103 9.88 0.50 3.85
C GLY B 103 9.69 1.44 2.67
N THR B 104 9.48 0.87 1.48
CA THR B 104 9.28 1.66 0.26
C THR B 104 8.06 2.58 0.41
N GLY B 105 6.97 2.03 0.94
CA GLY B 105 5.74 2.79 1.14
C GLY B 105 5.98 3.90 2.14
N ALA B 106 6.77 3.61 3.16
CA ALA B 106 7.10 4.60 4.18
C ALA B 106 7.91 5.73 3.55
N LEU B 107 8.81 5.37 2.62
CA LEU B 107 9.63 6.36 1.93
C LEU B 107 8.78 7.22 1.01
N ARG B 108 7.79 6.62 0.36
CA ARG B 108 6.93 7.36 -0.55
C ARG B 108 6.02 8.35 0.18
N VAL B 109 5.47 7.94 1.32
CA VAL B 109 4.59 8.82 2.06
C VAL B 109 5.40 10.02 2.59
N ALA B 110 6.64 9.77 3.02
CA ALA B 110 7.49 10.84 3.51
C ALA B 110 7.71 11.84 2.37
N ALA B 111 7.99 11.31 1.18
CA ALA B 111 8.23 12.14 0.01
C ALA B 111 6.98 12.94 -0.40
N ASP B 112 5.84 12.28 -0.38
CA ASP B 112 4.59 12.94 -0.73
C ASP B 112 4.30 14.01 0.31
N PHE B 113 4.53 13.66 1.57
CA PHE B 113 4.31 14.57 2.68
C PHE B 113 5.15 15.84 2.52
N LEU B 114 6.41 15.67 2.15
CA LEU B 114 7.32 16.81 1.99
C LEU B 114 7.04 17.68 0.76
N ALA B 115 6.80 17.05 -0.38
CA ALA B 115 6.52 17.80 -1.61
C ALA B 115 5.20 18.57 -1.56
N LYS B 116 4.23 18.05 -0.83
CA LYS B 116 2.93 18.69 -0.77
C LYS B 116 2.72 19.70 0.37
N ASN B 117 3.56 19.63 1.40
CA ASN B 117 3.38 20.51 2.56
C ASN B 117 4.54 21.39 2.97
N THR B 118 5.68 21.26 2.32
CA THR B 118 6.84 22.05 2.70
C THR B 118 7.45 22.73 1.51
N SER B 119 8.60 23.36 1.75
CA SER B 119 9.33 24.06 0.72
C SER B 119 10.42 23.17 0.13
N VAL B 120 10.65 22.01 0.74
CA VAL B 120 11.69 21.08 0.28
C VAL B 120 11.62 20.84 -1.22
N LYS B 121 12.78 20.91 -1.87
CA LYS B 121 12.83 20.71 -3.31
C LYS B 121 13.80 19.62 -3.76
N ARG B 122 14.82 19.32 -2.95
CA ARG B 122 15.78 18.30 -3.33
C ARG B 122 16.17 17.37 -2.19
N VAL B 123 16.43 16.13 -2.57
CA VAL B 123 16.82 15.08 -1.62
C VAL B 123 18.24 14.61 -1.97
N TRP B 124 19.07 14.43 -0.95
CA TRP B 124 20.43 13.98 -1.15
C TRP B 124 20.58 12.50 -0.80
N VAL B 125 21.02 11.72 -1.79
CA VAL B 125 21.21 10.28 -1.62
C VAL B 125 22.66 9.88 -1.89
N SER B 126 23.14 8.92 -1.11
CA SER B 126 24.50 8.45 -1.27
C SER B 126 24.73 7.85 -2.65
N ASN B 127 25.98 7.94 -3.11
CA ASN B 127 26.38 7.40 -4.39
C ASN B 127 27.44 6.34 -4.05
N PRO B 128 27.10 5.05 -4.16
CA PRO B 128 25.81 4.49 -4.59
C PRO B 128 24.76 4.35 -3.48
N SER B 129 23.62 3.81 -3.86
CA SER B 129 22.52 3.57 -2.93
C SER B 129 21.51 2.64 -3.59
N TRP B 130 20.43 2.35 -2.88
CA TRP B 130 19.39 1.51 -3.42
C TRP B 130 18.83 2.27 -4.63
N PRO B 131 18.83 1.63 -5.81
CA PRO B 131 18.33 2.24 -7.05
C PRO B 131 16.92 2.84 -6.99
N ASN B 132 16.03 2.25 -6.21
CA ASN B 132 14.66 2.75 -6.13
C ASN B 132 14.51 4.05 -5.33
N HIS B 133 15.57 4.46 -4.62
CA HIS B 133 15.50 5.72 -3.86
C HIS B 133 15.20 6.89 -4.78
N LYS B 134 15.97 7.03 -5.85
CA LYS B 134 15.75 8.11 -6.80
C LYS B 134 14.34 8.06 -7.39
N SER B 135 13.88 6.86 -7.73
CA SER B 135 12.56 6.68 -8.33
C SER B 135 11.40 7.11 -7.42
N VAL B 136 11.55 6.85 -6.13
CA VAL B 136 10.52 7.24 -5.17
C VAL B 136 10.44 8.76 -5.05
N PHE B 137 11.58 9.40 -4.90
CA PHE B 137 11.62 10.85 -4.76
C PHE B 137 11.26 11.61 -6.06
N ASN B 138 11.75 11.16 -7.21
CA ASN B 138 11.40 11.83 -8.46
C ASN B 138 9.90 11.74 -8.68
N SER B 139 9.30 10.64 -8.25
CA SER B 139 7.86 10.44 -8.42
C SER B 139 7.02 11.43 -7.62
N ALA B 140 7.51 11.80 -6.45
CA ALA B 140 6.78 12.75 -5.60
C ALA B 140 7.07 14.18 -6.02
N GLY B 141 7.89 14.34 -7.07
CA GLY B 141 8.20 15.66 -7.57
C GLY B 141 9.52 16.26 -7.07
N LEU B 142 10.22 15.56 -6.18
CA LEU B 142 11.48 16.07 -5.66
C LEU B 142 12.64 15.77 -6.61
N GLU B 143 13.67 16.63 -6.59
CA GLU B 143 14.82 16.42 -7.43
C GLU B 143 15.82 15.66 -6.56
N VAL B 144 16.57 14.75 -7.15
CA VAL B 144 17.53 13.94 -6.41
C VAL B 144 18.99 14.25 -6.70
N ARG B 145 19.75 14.52 -5.64
CA ARG B 145 21.17 14.81 -5.74
C ARG B 145 22.00 13.76 -5.00
N GLU B 146 23.14 13.40 -5.57
CA GLU B 146 24.01 12.40 -4.97
C GLU B 146 25.25 12.95 -4.30
N TYR B 147 25.62 12.36 -3.17
CA TYR B 147 26.83 12.76 -2.48
C TYR B 147 27.80 11.58 -2.48
N ALA B 148 29.09 11.89 -2.50
CA ALA B 148 30.14 10.87 -2.50
C ALA B 148 30.03 10.05 -1.23
N TYR B 149 30.54 8.82 -1.26
CA TYR B 149 30.44 7.96 -0.08
C TYR B 149 31.42 6.79 -0.04
N TYR B 150 31.58 6.11 -1.17
CA TYR B 150 32.43 4.92 -1.25
C TYR B 150 33.81 5.15 -1.88
N ASP B 151 34.81 4.49 -1.29
CA ASP B 151 36.19 4.55 -1.78
C ASP B 151 36.45 3.19 -2.45
N ALA B 152 36.17 3.10 -3.75
CA ALA B 152 36.37 1.86 -4.48
C ALA B 152 37.82 1.40 -4.51
N GLU B 153 38.75 2.34 -4.32
CA GLU B 153 40.16 2.01 -4.34
C GLU B 153 40.60 1.34 -3.03
N ASN B 154 39.88 1.64 -1.95
CA ASN B 154 40.20 1.05 -0.65
C ASN B 154 39.02 0.31 -0.05
N HIS B 155 37.94 0.21 -0.81
CA HIS B 155 36.72 -0.47 -0.36
C HIS B 155 36.39 0.02 1.04
N THR B 156 36.42 1.34 1.22
CA THR B 156 36.14 1.96 2.51
C THR B 156 35.26 3.20 2.33
N LEU B 157 34.81 3.76 3.45
CA LEU B 157 33.98 4.95 3.44
C LEU B 157 34.89 6.15 3.22
N ASP B 158 34.54 7.02 2.27
CA ASP B 158 35.33 8.22 2.02
C ASP B 158 34.70 9.37 2.81
N PHE B 159 35.00 9.43 4.10
CA PHE B 159 34.45 10.48 4.96
C PHE B 159 34.76 11.90 4.50
N ASP B 160 35.89 12.08 3.83
CA ASP B 160 36.26 13.41 3.36
C ASP B 160 35.52 13.77 2.08
N ALA B 161 35.34 12.79 1.20
CA ALA B 161 34.63 13.06 -0.03
C ALA B 161 33.16 13.26 0.34
N LEU B 162 32.70 12.52 1.35
CA LEU B 162 31.32 12.62 1.79
C LEU B 162 31.01 14.03 2.28
N ILE B 163 31.69 14.46 3.34
CA ILE B 163 31.48 15.78 3.89
C ILE B 163 31.79 16.89 2.89
N ASN B 164 32.76 16.67 2.02
CA ASN B 164 33.10 17.69 1.02
C ASN B 164 31.97 17.79 0.01
N SER B 165 31.22 16.70 -0.15
CA SER B 165 30.10 16.67 -1.10
C SER B 165 28.84 17.32 -0.55
N LEU B 166 28.54 17.07 0.72
CA LEU B 166 27.35 17.62 1.34
C LEU B 166 27.47 19.10 1.64
N ASN B 167 28.62 19.68 1.30
CA ASN B 167 28.82 21.10 1.53
C ASN B 167 27.90 21.86 0.58
N GLU B 168 27.58 21.24 -0.55
CA GLU B 168 26.70 21.86 -1.53
C GLU B 168 25.22 21.74 -1.15
N ALA B 169 24.94 21.03 -0.05
CA ALA B 169 23.56 20.86 0.39
C ALA B 169 23.09 22.08 1.20
N GLN B 170 22.29 22.93 0.57
CA GLN B 170 21.77 24.14 1.20
C GLN B 170 20.83 23.82 2.37
N ALA B 171 20.48 24.83 3.14
CA ALA B 171 19.56 24.64 4.27
C ALA B 171 18.16 24.38 3.71
N GLY B 172 17.42 23.51 4.39
CA GLY B 172 16.08 23.18 3.92
C GLY B 172 16.10 21.96 3.03
N ASP B 173 17.29 21.51 2.66
CA ASP B 173 17.44 20.33 1.82
C ASP B 173 17.35 19.08 2.69
N VAL B 174 16.91 17.98 2.09
CA VAL B 174 16.79 16.71 2.78
C VAL B 174 17.98 15.84 2.40
N VAL B 175 18.55 15.14 3.39
CA VAL B 175 19.67 14.26 3.13
C VAL B 175 19.30 12.86 3.60
N LEU B 176 19.37 11.88 2.69
CA LEU B 176 19.03 10.50 3.01
C LEU B 176 20.22 9.76 3.65
N PHE B 177 19.96 9.10 4.77
CA PHE B 177 20.98 8.33 5.50
C PHE B 177 20.52 6.90 5.71
N HIS B 178 21.43 5.93 5.61
CA HIS B 178 21.08 4.54 5.87
C HIS B 178 21.42 4.26 7.33
N GLY B 179 20.42 3.90 8.12
CA GLY B 179 20.67 3.63 9.53
C GLY B 179 21.85 2.71 9.78
N CYS B 180 21.90 1.59 9.07
CA CYS B 180 22.96 0.60 9.20
C CYS B 180 22.91 -0.34 7.99
N CYS B 181 23.98 -1.10 7.77
CA CYS B 181 24.02 -2.02 6.65
C CYS B 181 23.70 -1.28 5.36
N HIS B 182 24.52 -0.30 5.04
CA HIS B 182 24.33 0.49 3.84
C HIS B 182 24.18 -0.44 2.64
N ASN B 183 23.27 -0.06 1.74
CA ASN B 183 22.97 -0.83 0.53
C ASN B 183 23.45 0.06 -0.60
N PRO B 184 24.30 -0.47 -1.50
CA PRO B 184 24.87 -1.82 -1.57
C PRO B 184 26.26 -2.06 -1.01
N THR B 185 26.92 -1.04 -0.46
CA THR B 185 28.29 -1.21 0.01
C THR B 185 28.49 -2.02 1.29
N GLY B 186 27.57 -1.90 2.24
CA GLY B 186 27.72 -2.64 3.47
C GLY B 186 28.65 -1.93 4.43
N ILE B 187 29.11 -0.75 4.04
CA ILE B 187 30.01 0.06 4.86
C ILE B 187 29.24 1.19 5.54
N ASP B 188 29.23 1.18 6.86
CA ASP B 188 28.54 2.21 7.65
C ASP B 188 29.54 3.10 8.38
N PRO B 189 29.09 4.32 8.77
CA PRO B 189 29.97 5.25 9.49
C PRO B 189 30.16 4.74 10.93
N THR B 190 31.24 5.17 11.58
CA THR B 190 31.47 4.75 12.97
C THR B 190 30.67 5.72 13.83
N LEU B 191 30.49 5.38 15.10
CA LEU B 191 29.75 6.26 15.99
C LEU B 191 30.35 7.65 15.90
N GLU B 192 31.68 7.73 15.97
CA GLU B 192 32.39 9.00 15.88
C GLU B 192 31.89 9.76 14.66
N GLN B 193 31.91 9.10 13.51
CA GLN B 193 31.48 9.71 12.27
C GLN B 193 30.00 10.11 12.33
N TRP B 194 29.21 9.33 13.04
CA TRP B 194 27.80 9.62 13.19
C TRP B 194 27.66 10.92 14.00
N GLN B 195 28.48 11.06 15.05
CA GLN B 195 28.48 12.25 15.90
C GLN B 195 28.72 13.47 15.02
N THR B 196 29.77 13.37 14.22
CA THR B 196 30.16 14.45 13.32
C THR B 196 29.04 14.87 12.37
N LEU B 197 28.58 13.93 11.54
CA LEU B 197 27.52 14.23 10.58
C LEU B 197 26.30 14.85 11.28
N ALA B 198 26.00 14.36 12.49
CA ALA B 198 24.87 14.87 13.27
C ALA B 198 25.06 16.36 13.57
N GLN B 199 26.18 16.69 14.19
CA GLN B 199 26.48 18.09 14.52
C GLN B 199 26.55 18.90 13.24
N LEU B 200 27.18 18.35 12.21
CA LEU B 200 27.29 19.02 10.93
C LEU B 200 25.88 19.22 10.36
N SER B 201 25.03 18.24 10.62
CA SER B 201 23.65 18.26 10.15
C SER B 201 22.88 19.46 10.71
N VAL B 202 22.82 19.55 12.03
CA VAL B 202 22.12 20.65 12.71
C VAL B 202 22.68 22.00 12.27
N GLU B 203 23.99 22.08 12.16
CA GLU B 203 24.66 23.32 11.75
C GLU B 203 24.28 23.73 10.34
N LYS B 204 24.51 22.85 9.37
CA LYS B 204 24.19 23.16 7.99
C LYS B 204 22.68 23.32 7.78
N GLY B 205 21.90 22.90 8.76
CA GLY B 205 20.44 23.03 8.68
C GLY B 205 19.71 22.08 7.75
N TRP B 206 20.02 20.78 7.84
CA TRP B 206 19.37 19.78 7.00
C TRP B 206 18.27 19.03 7.73
N LEU B 207 17.39 18.41 6.95
CA LEU B 207 16.32 17.59 7.51
C LEU B 207 16.83 16.17 7.23
N PRO B 208 17.19 15.43 8.29
CA PRO B 208 17.68 14.07 8.12
C PRO B 208 16.57 13.05 7.91
N LEU B 209 16.69 12.25 6.86
CA LEU B 209 15.73 11.21 6.56
C LEU B 209 16.49 9.88 6.60
N PHE B 210 16.16 9.03 7.56
CA PHE B 210 16.82 7.74 7.68
C PHE B 210 16.04 6.60 7.05
N ASP B 211 16.74 5.75 6.30
CA ASP B 211 16.14 4.56 5.68
C ASP B 211 16.65 3.43 6.58
N PHE B 212 15.77 2.84 7.38
CA PHE B 212 16.14 1.80 8.34
C PHE B 212 15.50 0.45 8.04
N ALA B 213 16.09 -0.30 7.11
CA ALA B 213 15.54 -1.60 6.73
C ALA B 213 16.28 -2.82 7.28
N TYR B 214 17.41 -2.61 7.95
CA TYR B 214 18.21 -3.74 8.45
C TYR B 214 18.54 -3.71 9.93
N GLN B 215 17.69 -3.10 10.74
CA GLN B 215 17.99 -3.03 12.16
C GLN B 215 18.17 -4.44 12.71
N GLY B 216 19.33 -4.71 13.27
CA GLY B 216 19.62 -6.02 13.84
C GLY B 216 20.54 -6.90 13.00
N PHE B 217 20.86 -6.46 11.79
CA PHE B 217 21.71 -7.24 10.89
C PHE B 217 23.18 -6.84 10.90
N ALA B 218 23.52 -5.76 11.61
CA ALA B 218 24.90 -5.33 11.69
C ALA B 218 25.53 -5.85 12.98
N ARG B 219 24.95 -5.47 14.12
CA ARG B 219 25.46 -5.91 15.42
C ARG B 219 24.35 -6.38 16.36
N GLY B 220 23.30 -5.59 16.47
CA GLY B 220 22.18 -5.93 17.34
C GLY B 220 21.13 -4.85 17.22
N LEU B 221 19.98 -5.05 17.85
CA LEU B 221 18.91 -4.06 17.79
C LEU B 221 19.35 -2.69 18.29
N GLU B 222 19.81 -2.63 19.53
CA GLU B 222 20.24 -1.37 20.12
C GLU B 222 21.45 -0.76 19.41
N GLU B 223 22.47 -1.58 19.21
CA GLU B 223 23.71 -1.15 18.58
C GLU B 223 23.54 -0.51 17.20
N ASP B 224 22.69 -1.08 16.36
CA ASP B 224 22.50 -0.57 15.01
C ASP B 224 21.74 0.75 14.95
N ALA B 225 21.10 1.13 16.05
CA ALA B 225 20.35 2.38 16.09
C ALA B 225 21.18 3.55 16.61
N GLU B 226 22.41 3.27 17.07
CA GLU B 226 23.29 4.30 17.61
C GLU B 226 23.37 5.56 16.76
N GLY B 227 23.67 5.39 15.47
CA GLY B 227 23.76 6.55 14.60
C GLY B 227 22.50 7.38 14.62
N LEU B 228 21.37 6.70 14.45
CA LEU B 228 20.07 7.36 14.47
C LEU B 228 19.87 8.10 15.78
N ARG B 229 20.13 7.41 16.89
CA ARG B 229 19.98 7.97 18.22
C ARG B 229 20.82 9.22 18.44
N ALA B 230 22.01 9.25 17.85
CA ALA B 230 22.89 10.41 17.99
C ALA B 230 22.24 11.61 17.29
N PHE B 231 21.52 11.34 16.20
CA PHE B 231 20.84 12.39 15.44
C PHE B 231 19.63 12.89 16.21
N ALA B 232 18.86 11.95 16.76
CA ALA B 232 17.65 12.28 17.51
C ALA B 232 17.93 13.15 18.74
N ALA B 233 19.12 12.99 19.32
CA ALA B 233 19.50 13.74 20.50
C ALA B 233 19.82 15.21 20.19
N MET B 234 20.11 15.52 18.93
CA MET B 234 20.46 16.87 18.52
C MET B 234 19.44 17.62 17.67
N HIS B 235 18.70 16.90 16.84
CA HIS B 235 17.71 17.51 15.95
C HIS B 235 16.34 17.81 16.53
N LYS B 236 15.66 18.77 15.90
CA LYS B 236 14.32 19.16 16.30
C LYS B 236 13.36 18.40 15.39
N GLU B 237 13.74 18.24 14.14
CA GLU B 237 12.89 17.55 13.18
C GLU B 237 13.69 16.51 12.41
N LEU B 238 13.04 15.40 12.08
CA LEU B 238 13.68 14.34 11.31
C LEU B 238 12.64 13.31 10.92
N ILE B 239 12.92 12.56 9.86
CA ILE B 239 12.00 11.55 9.39
C ILE B 239 12.71 10.20 9.27
N VAL B 240 12.07 9.15 9.77
CA VAL B 240 12.64 7.82 9.71
C VAL B 240 11.68 6.83 9.04
N ALA B 241 12.13 6.26 7.93
CA ALA B 241 11.35 5.29 7.18
C ALA B 241 11.99 3.93 7.44
N SER B 242 11.31 3.09 8.19
CA SER B 242 11.85 1.77 8.51
C SER B 242 11.07 0.65 7.84
N SER B 243 11.61 -0.57 7.95
CA SER B 243 11.01 -1.74 7.35
C SER B 243 11.17 -2.96 8.26
N TYR B 244 10.22 -3.89 8.16
CA TYR B 244 10.24 -5.12 8.95
C TYR B 244 10.34 -6.31 7.99
N SER B 245 10.49 -6.00 6.71
CA SER B 245 10.59 -7.02 5.68
C SER B 245 11.68 -8.02 6.00
N LYS B 246 12.87 -7.49 6.27
CA LYS B 246 14.04 -8.32 6.55
C LYS B 246 14.16 -8.91 7.96
N ASN B 247 14.10 -8.09 9.00
CA ASN B 247 14.24 -8.65 10.35
C ASN B 247 13.10 -9.51 10.88
N PHE B 248 12.00 -9.57 10.14
CA PHE B 248 10.86 -10.41 10.55
C PHE B 248 10.53 -11.39 9.42
N GLY B 249 11.31 -11.35 8.34
CA GLY B 249 11.07 -12.21 7.20
C GLY B 249 9.63 -12.09 6.71
N LEU B 250 9.12 -10.86 6.64
CA LEU B 250 7.74 -10.62 6.20
C LEU B 250 7.65 -9.82 4.90
N TYR B 251 8.65 -9.97 4.03
CA TYR B 251 8.72 -9.26 2.75
C TYR B 251 7.39 -8.97 2.03
N ASN B 252 6.66 -10.03 1.67
CA ASN B 252 5.40 -9.85 0.94
C ASN B 252 4.16 -9.39 1.71
N GLU B 253 4.29 -9.20 3.02
CA GLU B 253 3.14 -8.73 3.80
C GLU B 253 3.17 -7.21 3.87
N ARG B 254 4.27 -6.64 3.41
CA ARG B 254 4.47 -5.18 3.36
C ARG B 254 4.26 -4.51 4.71
N VAL B 255 5.26 -4.63 5.57
CA VAL B 255 5.21 -4.07 6.91
C VAL B 255 6.32 -3.06 7.13
N GLY B 256 5.95 -1.79 7.23
CA GLY B 256 6.94 -0.76 7.45
C GLY B 256 6.33 0.35 8.29
N ALA B 257 7.09 1.40 8.52
CA ALA B 257 6.63 2.52 9.33
C ALA B 257 7.30 3.83 8.96
N CYS B 258 6.56 4.92 9.05
CA CYS B 258 7.10 6.24 8.77
C CYS B 258 6.97 7.03 10.07
N THR B 259 8.09 7.45 10.63
CA THR B 259 8.03 8.20 11.88
C THR B 259 8.44 9.65 11.71
N LEU B 260 7.57 10.54 12.16
CA LEU B 260 7.80 11.97 12.07
C LEU B 260 8.27 12.53 13.40
N VAL B 261 9.32 13.34 13.38
CA VAL B 261 9.83 13.96 14.60
C VAL B 261 9.80 15.47 14.42
N ALA B 262 9.29 16.18 15.43
CA ALA B 262 9.22 17.63 15.37
C ALA B 262 9.72 18.25 16.68
N ALA B 263 9.79 19.58 16.73
CA ALA B 263 10.26 20.30 17.90
C ALA B 263 9.46 20.00 19.18
N ASP B 264 8.14 19.92 19.05
CA ASP B 264 7.28 19.65 20.19
C ASP B 264 6.03 18.87 19.82
N SER B 265 5.25 18.52 20.84
CA SER B 265 4.01 17.75 20.65
C SER B 265 2.95 18.44 19.81
N GLU B 266 2.88 19.77 19.89
CA GLU B 266 1.90 20.52 19.12
C GLU B 266 2.24 20.51 17.62
N THR B 267 3.49 20.82 17.30
CA THR B 267 3.95 20.86 15.92
C THR B 267 3.85 19.49 15.21
N VAL B 268 4.36 18.43 15.83
CA VAL B 268 4.32 17.12 15.21
C VAL B 268 2.88 16.63 14.92
N ASP B 269 1.97 16.86 15.86
CA ASP B 269 0.58 16.45 15.66
C ASP B 269 -0.04 17.20 14.48
N ARG B 270 0.30 18.47 14.35
CA ARG B 270 -0.22 19.29 13.26
C ARG B 270 0.36 18.79 11.94
N ALA B 271 1.64 18.46 11.96
CA ALA B 271 2.32 17.96 10.77
C ALA B 271 1.82 16.55 10.41
N PHE B 272 1.65 15.71 11.43
CA PHE B 272 1.19 14.36 11.20
C PHE B 272 -0.18 14.32 10.54
N SER B 273 -1.00 15.34 10.76
CA SER B 273 -2.34 15.37 10.16
C SER B 273 -2.24 15.44 8.63
N GLN B 274 -1.20 16.11 8.13
CA GLN B 274 -0.99 16.21 6.69
C GLN B 274 -0.43 14.91 6.16
N MET B 275 0.35 14.21 6.98
CA MET B 275 0.91 12.95 6.53
C MET B 275 -0.22 11.96 6.35
N LYS B 276 -1.21 12.03 7.25
CA LYS B 276 -2.35 11.13 7.16
C LYS B 276 -3.13 11.47 5.89
N ALA B 277 -3.13 12.76 5.52
CA ALA B 277 -3.83 13.18 4.33
C ALA B 277 -3.13 12.57 3.12
N ALA B 278 -1.80 12.60 3.13
CA ALA B 278 -1.00 12.03 2.04
C ALA B 278 -1.29 10.54 1.93
N ILE B 279 -1.43 9.87 3.07
CA ILE B 279 -1.71 8.45 3.11
C ILE B 279 -3.13 8.17 2.61
N ARG B 280 -4.09 8.94 3.10
CA ARG B 280 -5.49 8.79 2.71
C ARG B 280 -5.65 8.90 1.20
N ALA B 281 -4.86 9.75 0.55
CA ALA B 281 -4.95 9.91 -0.90
C ALA B 281 -4.08 8.93 -1.67
N ASN B 282 -3.46 7.99 -0.96
CA ASN B 282 -2.60 7.03 -1.63
C ASN B 282 -3.24 5.65 -1.54
N TYR B 283 -3.24 5.05 -0.35
CA TYR B 283 -3.82 3.74 -0.20
C TYR B 283 -4.88 3.69 0.92
N SER B 284 -5.26 4.87 1.40
CA SER B 284 -6.28 5.05 2.44
C SER B 284 -5.90 4.62 3.85
N ASN B 285 -5.58 3.33 4.02
CA ASN B 285 -5.16 2.77 5.31
C ASN B 285 -4.32 1.50 5.04
N PRO B 286 -3.38 1.17 5.95
CA PRO B 286 -2.47 0.03 5.88
C PRO B 286 -2.99 -1.39 6.06
N PRO B 287 -2.31 -2.37 5.44
CA PRO B 287 -2.70 -3.79 5.53
C PRO B 287 -2.39 -4.28 6.93
N ALA B 288 -3.40 -4.86 7.57
CA ALA B 288 -3.30 -5.35 8.94
C ALA B 288 -2.46 -6.61 9.25
N HIS B 289 -2.56 -7.66 8.44
CA HIS B 289 -1.85 -8.92 8.72
C HIS B 289 -0.38 -8.83 9.14
N GLY B 290 0.46 -8.31 8.24
CA GLY B 290 1.87 -8.19 8.54
C GLY B 290 2.12 -7.40 9.82
N ALA B 291 1.52 -6.23 9.91
CA ALA B 291 1.67 -5.35 11.07
C ALA B 291 1.15 -5.98 12.36
N SER B 292 0.06 -6.74 12.26
CA SER B 292 -0.50 -7.40 13.43
C SER B 292 0.50 -8.43 13.96
N VAL B 293 1.12 -9.19 13.05
CA VAL B 293 2.11 -10.19 13.45
C VAL B 293 3.23 -9.52 14.28
N VAL B 294 3.81 -8.45 13.76
CA VAL B 294 4.88 -7.75 14.46
C VAL B 294 4.42 -7.26 15.83
N ALA B 295 3.26 -6.62 15.86
CA ALA B 295 2.72 -6.09 17.11
C ALA B 295 2.57 -7.17 18.17
N THR B 296 1.98 -8.31 17.80
CA THR B 296 1.78 -9.39 18.75
C THR B 296 3.09 -10.05 19.21
N ILE B 297 4.12 -10.03 18.37
CA ILE B 297 5.40 -10.62 18.75
C ILE B 297 6.16 -9.67 19.68
N LEU B 298 6.23 -8.40 19.30
CA LEU B 298 6.94 -7.39 20.09
C LEU B 298 6.24 -7.10 21.43
N SER B 299 4.96 -7.46 21.53
CA SER B 299 4.19 -7.23 22.75
C SER B 299 4.18 -8.43 23.69
N ASN B 300 4.53 -9.61 23.18
CA ASN B 300 4.56 -10.80 24.00
C ASN B 300 6.02 -11.19 24.27
N ASP B 301 6.46 -10.98 25.52
CA ASP B 301 7.83 -11.28 25.92
C ASP B 301 8.32 -12.65 25.47
N ALA B 302 7.47 -13.65 25.58
CA ALA B 302 7.82 -15.01 25.18
C ALA B 302 8.09 -15.11 23.68
N LEU B 303 7.25 -14.46 22.88
CA LEU B 303 7.41 -14.46 21.42
C LEU B 303 8.60 -13.59 21.09
N ARG B 304 8.67 -12.44 21.76
CA ARG B 304 9.76 -11.50 21.56
C ARG B 304 11.10 -12.22 21.69
N ALA B 305 11.24 -12.99 22.77
CA ALA B 305 12.47 -13.74 23.03
C ALA B 305 12.78 -14.71 21.90
N ILE B 306 11.76 -15.43 21.42
CA ILE B 306 11.96 -16.38 20.33
C ILE B 306 12.46 -15.62 19.10
N TRP B 307 11.76 -14.55 18.75
CA TRP B 307 12.12 -13.75 17.59
C TRP B 307 13.55 -13.25 17.61
N GLU B 308 13.95 -12.64 18.73
CA GLU B 308 15.31 -12.11 18.83
C GLU B 308 16.34 -13.20 18.64
N GLN B 309 16.01 -14.40 19.09
CA GLN B 309 16.92 -15.52 18.94
C GLN B 309 17.05 -15.84 17.44
N GLU B 310 15.92 -15.90 16.75
CA GLU B 310 15.93 -16.18 15.32
C GLU B 310 16.68 -15.10 14.54
N LEU B 311 16.52 -13.85 14.97
CA LEU B 311 17.21 -12.75 14.30
C LEU B 311 18.72 -12.92 14.49
N THR B 312 19.11 -13.24 15.72
CA THR B 312 20.52 -13.45 16.01
C THR B 312 21.08 -14.57 15.14
N ASP B 313 20.31 -15.64 14.99
CA ASP B 313 20.73 -16.76 14.19
C ASP B 313 20.88 -16.41 12.72
N MET B 314 20.04 -15.49 12.22
CA MET B 314 20.14 -15.08 10.83
C MET B 314 21.41 -14.26 10.64
N ARG B 315 21.64 -13.34 11.58
CA ARG B 315 22.81 -12.47 11.53
C ARG B 315 24.11 -13.26 11.56
N GLN B 316 24.19 -14.23 12.45
CA GLN B 316 25.39 -15.03 12.58
C GLN B 316 25.61 -15.95 11.38
N ARG B 317 24.53 -16.48 10.79
CA ARG B 317 24.69 -17.35 9.63
C ARG B 317 25.30 -16.55 8.50
N ILE B 318 24.87 -15.31 8.36
CA ILE B 318 25.38 -14.44 7.31
C ILE B 318 26.87 -14.12 7.52
N GLN B 319 27.28 -13.94 8.77
CA GLN B 319 28.67 -13.66 9.06
C GLN B 319 29.51 -14.88 8.70
N ARG B 320 29.00 -16.05 9.06
CA ARG B 320 29.66 -17.32 8.76
C ARG B 320 29.85 -17.47 7.25
N MET B 321 28.82 -17.14 6.49
CA MET B 321 28.90 -17.23 5.03
C MET B 321 29.91 -16.23 4.49
N ARG B 322 29.94 -15.05 5.11
CA ARG B 322 30.86 -14.00 4.70
C ARG B 322 32.29 -14.53 4.77
N GLN B 323 32.63 -15.12 5.91
CA GLN B 323 33.95 -15.70 6.14
C GLN B 323 34.21 -16.84 5.14
N LEU B 324 33.24 -17.74 5.00
CA LEU B 324 33.37 -18.88 4.09
C LEU B 324 33.59 -18.43 2.65
N PHE B 325 32.85 -17.41 2.23
CA PHE B 325 32.94 -16.83 0.90
C PHE B 325 34.37 -16.39 0.58
N VAL B 326 34.98 -15.67 1.52
CA VAL B 326 36.35 -15.21 1.30
C VAL B 326 37.37 -16.36 1.29
N ASN B 327 37.21 -17.33 2.19
CA ASN B 327 38.13 -18.46 2.25
C ASN B 327 38.00 -19.36 1.01
N THR B 328 36.78 -19.54 0.53
CA THR B 328 36.55 -20.38 -0.65
C THR B 328 37.05 -19.73 -1.94
N LEU B 329 36.92 -18.41 -2.05
CA LEU B 329 37.41 -17.70 -3.24
C LEU B 329 38.91 -17.96 -3.44
N GLN B 330 39.67 -17.91 -2.36
CA GLN B 330 41.09 -18.16 -2.43
C GLN B 330 41.33 -19.63 -2.78
N GLU B 331 40.58 -20.51 -2.15
CA GLU B 331 40.70 -21.95 -2.38
C GLU B 331 40.51 -22.26 -3.87
N LYS B 332 39.55 -21.58 -4.51
CA LYS B 332 39.27 -21.80 -5.91
C LYS B 332 40.21 -21.06 -6.86
N GLY B 333 41.23 -20.42 -6.27
CA GLY B 333 42.22 -19.72 -7.07
C GLY B 333 41.96 -18.28 -7.47
N ALA B 334 41.28 -17.51 -6.62
CA ALA B 334 41.00 -16.11 -6.93
C ALA B 334 42.27 -15.31 -7.12
N ASN B 335 42.35 -14.59 -8.24
CA ASN B 335 43.51 -13.76 -8.56
C ASN B 335 43.45 -12.37 -7.92
N ARG B 336 42.97 -12.31 -6.69
CA ARG B 336 42.87 -11.05 -5.95
C ARG B 336 42.56 -11.29 -4.47
N ASP B 337 42.43 -10.20 -3.71
CA ASP B 337 42.12 -10.32 -2.29
C ASP B 337 40.75 -9.75 -1.96
N PHE B 338 39.84 -10.60 -1.47
CA PHE B 338 38.50 -10.16 -1.12
C PHE B 338 38.38 -10.07 0.39
N SER B 339 39.48 -9.70 1.01
CA SER B 339 39.55 -9.56 2.46
C SER B 339 38.60 -8.49 2.96
N PHE B 340 38.45 -7.42 2.19
CA PHE B 340 37.58 -6.32 2.57
C PHE B 340 36.15 -6.77 2.81
N ILE B 341 35.74 -7.84 2.12
CA ILE B 341 34.38 -8.35 2.27
C ILE B 341 34.06 -8.70 3.73
N ILE B 342 35.08 -9.05 4.50
CA ILE B 342 34.87 -9.39 5.90
C ILE B 342 34.51 -8.13 6.69
N LYS B 343 34.90 -6.97 6.16
CA LYS B 343 34.63 -5.69 6.82
C LYS B 343 33.27 -5.09 6.50
N GLN B 344 32.50 -5.75 5.64
CA GLN B 344 31.19 -5.25 5.27
C GLN B 344 30.09 -5.77 6.20
N ASN B 345 29.06 -4.94 6.38
CA ASN B 345 27.91 -5.26 7.25
C ASN B 345 26.67 -5.62 6.45
N GLY B 346 25.80 -6.42 7.07
CA GLY B 346 24.53 -6.79 6.43
C GLY B 346 24.44 -8.02 5.56
N MET B 347 23.52 -7.95 4.61
CA MET B 347 23.26 -9.03 3.68
C MET B 347 24.11 -8.98 2.42
N PHE B 348 24.48 -7.77 2.01
CA PHE B 348 25.23 -7.59 0.78
C PHE B 348 26.74 -7.47 0.90
N SER B 349 27.35 -7.37 -0.27
CA SER B 349 28.79 -7.21 -0.42
C SER B 349 29.02 -6.63 -1.80
N PHE B 350 29.76 -5.53 -1.84
CA PHE B 350 30.07 -4.87 -3.10
C PHE B 350 31.32 -5.60 -3.61
N SER B 351 31.08 -6.67 -4.37
CA SER B 351 32.12 -7.55 -4.93
C SER B 351 33.28 -6.88 -5.64
N GLY B 352 33.00 -5.84 -6.41
CA GLY B 352 34.04 -5.17 -7.15
C GLY B 352 33.96 -5.60 -8.60
N LEU B 353 33.16 -6.64 -8.85
CA LEU B 353 32.95 -7.15 -10.20
C LEU B 353 32.34 -6.05 -11.08
N THR B 354 32.68 -6.08 -12.36
CA THR B 354 32.15 -5.09 -13.30
C THR B 354 30.83 -5.56 -13.86
N LYS B 355 30.13 -4.68 -14.58
CA LYS B 355 28.86 -5.03 -15.18
C LYS B 355 29.05 -6.14 -16.19
N GLU B 356 30.10 -6.04 -16.99
CA GLU B 356 30.41 -7.05 -18.00
C GLU B 356 30.64 -8.40 -17.34
N GLN B 357 31.34 -8.39 -16.20
CA GLN B 357 31.62 -9.63 -15.48
C GLN B 357 30.32 -10.21 -14.93
N VAL B 358 29.48 -9.34 -14.38
CA VAL B 358 28.20 -9.75 -13.81
C VAL B 358 27.27 -10.35 -14.88
N LEU B 359 27.33 -9.80 -16.09
CA LEU B 359 26.51 -10.32 -17.17
C LEU B 359 26.99 -11.72 -17.51
N ARG B 360 28.32 -11.87 -17.52
CA ARG B 360 28.96 -13.14 -17.84
C ARG B 360 28.57 -14.23 -16.84
N LEU B 361 28.57 -13.88 -15.55
CA LEU B 361 28.21 -14.84 -14.51
C LEU B 361 26.80 -15.39 -14.74
N ARG B 362 25.88 -14.50 -15.11
CA ARG B 362 24.50 -14.89 -15.34
C ARG B 362 24.33 -15.74 -16.59
N GLU B 363 24.79 -15.22 -17.71
CA GLU B 363 24.65 -15.92 -18.97
C GLU B 363 25.42 -17.22 -19.11
N GLU B 364 26.69 -17.22 -18.70
CA GLU B 364 27.48 -18.42 -18.84
C GLU B 364 27.44 -19.38 -17.66
N PHE B 365 27.21 -18.88 -16.46
CA PHE B 365 27.20 -19.73 -15.29
C PHE B 365 25.87 -19.80 -14.52
N GLY B 366 24.89 -19.01 -14.95
CA GLY B 366 23.60 -19.03 -14.28
C GLY B 366 23.66 -18.53 -12.85
N VAL B 367 24.61 -17.63 -12.59
CA VAL B 367 24.77 -17.05 -11.26
C VAL B 367 24.25 -15.61 -11.36
N TYR B 368 23.18 -15.31 -10.65
CA TYR B 368 22.58 -13.98 -10.68
C TYR B 368 22.98 -12.98 -9.60
N ALA B 369 23.49 -11.84 -10.04
CA ALA B 369 23.88 -10.77 -9.13
C ALA B 369 23.41 -9.46 -9.75
N VAL B 370 23.36 -8.40 -8.94
CA VAL B 370 22.95 -7.09 -9.44
C VAL B 370 24.07 -6.56 -10.34
N ALA B 371 23.69 -5.88 -11.42
CA ALA B 371 24.67 -5.35 -12.37
C ALA B 371 25.72 -4.43 -11.76
N SER B 372 25.48 -3.98 -10.53
CA SER B 372 26.42 -3.09 -9.85
C SER B 372 27.51 -3.90 -9.13
N GLY B 373 27.42 -5.22 -9.19
CA GLY B 373 28.40 -6.04 -8.53
C GLY B 373 27.98 -6.40 -7.12
N ARG B 374 26.78 -5.98 -6.73
CA ARG B 374 26.28 -6.28 -5.40
C ARG B 374 25.87 -7.74 -5.35
N VAL B 375 26.30 -8.44 -4.31
CA VAL B 375 25.98 -9.84 -4.15
C VAL B 375 25.31 -10.07 -2.80
N ASN B 376 24.30 -10.92 -2.78
CA ASN B 376 23.56 -11.21 -1.56
C ASN B 376 24.23 -12.38 -0.84
N VAL B 377 25.04 -12.06 0.17
CA VAL B 377 25.74 -13.10 0.95
C VAL B 377 24.76 -13.97 1.73
N ALA B 378 23.59 -13.40 2.07
CA ALA B 378 22.57 -14.15 2.81
C ALA B 378 21.96 -15.22 1.91
N GLY B 379 22.26 -15.15 0.62
CA GLY B 379 21.73 -16.12 -0.31
C GLY B 379 22.70 -17.27 -0.54
N MET B 380 23.88 -17.19 0.08
CA MET B 380 24.89 -18.23 -0.06
C MET B 380 24.70 -19.30 1.00
N THR B 381 24.95 -20.55 0.63
CA THR B 381 24.80 -21.67 1.56
C THR B 381 26.03 -22.56 1.42
N PRO B 382 26.23 -23.50 2.36
CA PRO B 382 27.39 -24.39 2.26
C PRO B 382 27.38 -25.17 0.95
N ASP B 383 26.19 -25.45 0.42
CA ASP B 383 26.05 -26.19 -0.83
C ASP B 383 26.42 -25.42 -2.10
N ASN B 384 25.93 -24.19 -2.26
CA ASN B 384 26.23 -23.43 -3.48
C ASN B 384 27.54 -22.61 -3.43
N MET B 385 28.23 -22.64 -2.31
CA MET B 385 29.45 -21.87 -2.17
C MET B 385 30.50 -22.21 -3.23
N ALA B 386 30.81 -23.50 -3.38
CA ALA B 386 31.81 -23.94 -4.34
C ALA B 386 31.50 -23.52 -5.77
N PRO B 387 30.35 -23.96 -6.33
CA PRO B 387 29.93 -23.62 -7.70
C PRO B 387 29.99 -22.11 -7.94
N LEU B 388 29.50 -21.38 -6.95
CA LEU B 388 29.46 -19.93 -6.96
C LEU B 388 30.84 -19.31 -7.10
N CYS B 389 31.75 -19.66 -6.21
CA CYS B 389 33.11 -19.13 -6.24
C CYS B 389 33.86 -19.53 -7.50
N GLU B 390 33.61 -20.74 -7.97
CA GLU B 390 34.26 -21.21 -9.20
C GLU B 390 33.84 -20.33 -10.35
N ALA B 391 32.58 -19.89 -10.33
CA ALA B 391 32.03 -19.03 -11.39
C ALA B 391 32.70 -17.65 -11.41
N ILE B 392 32.86 -17.07 -10.22
CA ILE B 392 33.48 -15.75 -10.13
C ILE B 392 34.95 -15.80 -10.58
N VAL B 393 35.69 -16.79 -10.08
CA VAL B 393 37.09 -16.93 -10.43
C VAL B 393 37.25 -17.05 -11.94
N ALA B 394 36.31 -17.75 -12.59
CA ALA B 394 36.34 -17.95 -14.02
C ALA B 394 36.14 -16.67 -14.82
N VAL B 395 35.51 -15.68 -14.20
CA VAL B 395 35.23 -14.40 -14.86
C VAL B 395 36.26 -13.34 -14.48
N LEU B 396 37.07 -13.64 -13.46
CA LEU B 396 38.09 -12.72 -12.99
C LEU B 396 39.19 -12.43 -14.01
#